data_6A0I
#
_entry.id   6A0I
#
_cell.length_a   82.982
_cell.length_b   84.340
_cell.length_c   86.998
_cell.angle_alpha   90.00
_cell.angle_beta   90.00
_cell.angle_gamma   90.00
#
_symmetry.space_group_name_H-M   'P 21 21 21'
#
loop_
_entity.id
_entity.type
_entity.pdbx_description
1 polymer 'Protein N-terminal asparagine amidohydrolase'
2 non-polymer GLYCEROL
3 non-polymer 'PHOSPHATE ION'
4 water water
#
_entity_poly.entity_id   1
_entity_poly.type   'polypeptide(L)'
_entity_poly.pdbx_seq_one_letter_code
;MPLLVEGRRVRLPQSAGDLVRAHPPLEERARLLRGQSVQQVGPQGLLYVQQRELAVTSPKDGSISILGSDDATTSHIVVL
RHTGNGATCLTHCDGTDTKAEVPLIMNSIKSFSDHAQCGRLEVHLVGGFSDDRQLSQKLTHQLLSEFDRQEDDIHLVTLC
VTELNDREENENHFPVIYGIAVNIKTAEIYRASFQDRGPEEQLRAARTLAGGPMISIYDAETEQLRIGPYSWTPFPHVDF
WLHQDDKQILENLSTSPLAEPPHFVEHIRSTLMFLKKHPSPAHTLFSGNKALLYKKNEDGLWEKISSPGSLEHHHHHH
;
_entity_poly.pdbx_strand_id   A,B
#
loop_
_chem_comp.id
_chem_comp.type
_chem_comp.name
_chem_comp.formula
GOL non-polymer GLYCEROL 'C3 H8 O3'
PO4 non-polymer 'PHOSPHATE ION' 'O4 P -3'
#
# COMPACT_ATOMS: atom_id res chain seq x y z
N PRO A 2 -11.77 -8.58 13.67
CA PRO A 2 -12.78 -7.85 14.44
C PRO A 2 -12.17 -6.83 15.39
N LEU A 3 -13.03 -5.98 15.95
CA LEU A 3 -12.60 -4.95 16.89
C LEU A 3 -12.62 -5.53 18.30
N LEU A 4 -11.54 -5.33 19.05
CA LEU A 4 -11.42 -5.86 20.40
C LEU A 4 -11.20 -4.73 21.40
N VAL A 5 -11.83 -4.85 22.56
CA VAL A 5 -11.58 -3.97 23.70
C VAL A 5 -11.39 -4.86 24.92
N GLU A 6 -10.30 -4.63 25.65
CA GLU A 6 -9.90 -5.50 26.76
C GLU A 6 -9.92 -6.97 26.33
N GLY A 7 -9.47 -7.20 25.10
CA GLY A 7 -9.30 -8.54 24.58
C GLY A 7 -10.56 -9.25 24.13
N ARG A 8 -11.72 -8.59 24.16
CA ARG A 8 -12.96 -9.25 23.76
C ARG A 8 -13.70 -8.43 22.72
N ARG A 9 -14.55 -9.13 21.96
CA ARG A 9 -15.21 -8.54 20.81
C ARG A 9 -16.21 -7.47 21.23
N VAL A 10 -16.25 -6.38 20.47
CA VAL A 10 -17.19 -5.29 20.69
C VAL A 10 -18.54 -5.68 20.09
N ARG A 11 -19.61 -5.37 20.82
CA ARG A 11 -20.97 -5.52 20.32
C ARG A 11 -21.36 -4.25 19.57
N LEU A 12 -21.71 -4.39 18.30
CA LEU A 12 -22.17 -3.28 17.49
C LEU A 12 -23.58 -3.57 16.96
N PRO A 13 -24.41 -2.53 16.78
CA PRO A 13 -24.10 -1.13 17.02
C PRO A 13 -24.10 -0.76 18.49
N GLN A 14 -23.36 0.30 18.82
CA GLN A 14 -23.23 0.78 20.18
C GLN A 14 -22.65 2.17 20.12
N SER A 15 -23.16 3.06 20.96
CA SER A 15 -22.64 4.42 21.01
C SER A 15 -21.22 4.43 21.57
N ALA A 16 -20.42 5.40 21.12
CA ALA A 16 -19.06 5.54 21.63
C ALA A 16 -19.06 5.76 23.14
N GLY A 17 -20.00 6.56 23.65
CA GLY A 17 -20.04 6.81 25.08
C GLY A 17 -20.36 5.56 25.88
N ASP A 18 -21.24 4.71 25.35
CA ASP A 18 -21.52 3.44 26.03
C ASP A 18 -20.30 2.53 26.04
N LEU A 19 -19.57 2.49 24.93
CA LEU A 19 -18.35 1.69 24.86
C LEU A 19 -17.34 2.16 25.90
N VAL A 20 -17.12 3.47 25.97
CA VAL A 20 -16.10 4.02 26.87
C VAL A 20 -16.51 3.82 28.33
N ARG A 21 -17.80 3.99 28.63
CA ARG A 21 -18.27 3.83 30.00
C ARG A 21 -18.15 2.37 30.46
N ALA A 22 -18.26 1.42 29.54
CA ALA A 22 -18.19 0.01 29.90
C ALA A 22 -16.78 -0.53 30.02
N HIS A 23 -15.76 0.24 29.62
CA HIS A 23 -14.39 -0.27 29.57
C HIS A 23 -13.45 0.77 30.16
N PRO A 24 -13.00 0.56 31.40
CA PRO A 24 -12.18 1.58 32.12
C PRO A 24 -10.93 2.01 31.36
N PRO A 25 -10.21 1.11 30.66
CA PRO A 25 -9.04 1.60 29.90
C PRO A 25 -9.42 2.66 28.88
N LEU A 26 -10.56 2.50 28.20
CA LEU A 26 -11.00 3.51 27.25
C LEU A 26 -11.32 4.83 27.94
N GLU A 27 -11.99 4.75 29.10
CA GLU A 27 -12.36 5.96 29.82
C GLU A 27 -11.14 6.71 30.30
N GLU A 28 -10.13 5.99 30.79
CA GLU A 28 -8.94 6.66 31.30
C GLU A 28 -8.16 7.32 30.19
N ARG A 29 -8.04 6.64 29.04
CA ARG A 29 -7.38 7.26 27.89
C ARG A 29 -8.11 8.53 27.44
N ALA A 30 -9.44 8.47 27.36
CA ALA A 30 -10.22 9.63 26.97
C ALA A 30 -10.04 10.78 27.95
N ARG A 31 -10.07 10.48 29.25
CA ARG A 31 -9.89 11.51 30.26
C ARG A 31 -8.52 12.17 30.12
N LEU A 32 -7.48 11.36 29.93
CA LEU A 32 -6.13 11.90 29.84
C LEU A 32 -5.94 12.70 28.56
N LEU A 33 -6.47 12.20 27.44
CA LEU A 33 -6.30 12.88 26.16
C LEU A 33 -6.98 14.25 26.18
N ARG A 34 -8.25 14.29 26.61
CA ARG A 34 -8.98 15.55 26.65
C ARG A 34 -8.36 16.52 27.63
N GLY A 35 -7.69 16.02 28.67
CA GLY A 35 -7.11 16.89 29.68
C GLY A 35 -5.79 17.51 29.28
N GLN A 36 -5.13 17.00 28.25
CA GLN A 36 -3.86 17.57 27.82
C GLN A 36 -4.05 18.97 27.28
N SER A 37 -3.06 19.83 27.51
CA SER A 37 -3.02 21.10 26.82
C SER A 37 -2.55 20.88 25.38
N VAL A 38 -2.98 21.75 24.49
CA VAL A 38 -2.68 21.58 23.06
C VAL A 38 -1.24 22.02 22.81
N GLN A 39 -0.46 21.16 22.16
CA GLN A 39 0.91 21.49 21.83
C GLN A 39 0.98 22.00 20.40
N GLN A 40 1.71 23.10 20.22
CA GLN A 40 1.90 23.70 18.91
C GLN A 40 3.07 23.00 18.24
N VAL A 41 2.76 22.06 17.36
CA VAL A 41 3.78 21.20 16.74
C VAL A 41 4.39 21.95 15.55
N GLY A 42 5.71 22.10 15.57
CA GLY A 42 6.41 22.78 14.50
C GLY A 42 6.68 21.86 13.33
N PRO A 43 7.37 22.40 12.33
CA PRO A 43 7.52 21.67 11.06
C PRO A 43 8.58 20.57 11.05
N GLN A 44 9.50 20.51 12.01
CA GLN A 44 10.60 19.56 11.92
C GLN A 44 10.10 18.11 12.01
N GLY A 45 10.39 17.32 10.97
CA GLY A 45 10.01 15.93 10.95
C GLY A 45 8.52 15.68 10.84
N LEU A 46 7.74 16.69 10.50
CA LEU A 46 6.29 16.62 10.49
C LEU A 46 5.77 16.30 9.08
N LEU A 47 4.81 15.40 9.01
CA LEU A 47 3.97 15.24 7.83
C LEU A 47 2.55 15.57 8.27
N TYR A 48 2.05 16.72 7.81
CA TYR A 48 0.67 17.11 8.08
C TYR A 48 -0.26 16.46 7.05
N VAL A 49 -1.30 15.80 7.54
CA VAL A 49 -2.25 15.05 6.72
C VAL A 49 -3.56 15.81 6.66
N GLN A 50 -4.01 16.17 5.46
CA GLN A 50 -5.25 16.91 5.33
C GLN A 50 -6.44 15.97 5.38
N GLN A 51 -7.64 16.56 5.46
CA GLN A 51 -8.87 15.81 5.29
C GLN A 51 -8.84 15.02 3.99
N ARG A 52 -9.28 13.76 4.07
CA ARG A 52 -9.32 12.83 2.94
C ARG A 52 -7.92 12.50 2.40
N GLU A 53 -6.93 12.47 3.29
CA GLU A 53 -5.59 11.99 2.97
C GLU A 53 -5.16 10.95 4.00
N LEU A 54 -4.21 10.11 3.60
CA LEU A 54 -3.64 9.04 4.41
C LEU A 54 -2.12 9.11 4.30
N ALA A 55 -1.42 8.99 5.41
CA ALA A 55 0.04 8.85 5.39
C ALA A 55 0.46 7.68 6.28
N VAL A 56 1.41 6.88 5.81
CA VAL A 56 1.91 5.74 6.57
C VAL A 56 3.43 5.69 6.49
N THR A 57 4.08 5.43 7.62
CA THR A 57 5.52 5.18 7.68
C THR A 57 5.83 4.41 8.96
N SER A 58 7.09 4.34 9.33
CA SER A 58 7.54 3.46 10.41
C SER A 58 8.77 4.07 11.06
N PRO A 59 9.17 3.57 12.25
CA PRO A 59 10.30 4.19 12.96
C PRO A 59 11.63 4.18 12.22
N LYS A 60 11.80 3.39 11.17
CA LYS A 60 13.06 3.47 10.45
C LYS A 60 13.08 4.60 9.44
N ASP A 61 12.02 5.41 9.38
CA ASP A 61 12.00 6.58 8.51
C ASP A 61 12.98 7.62 9.05
N GLY A 62 13.92 8.04 8.22
CA GLY A 62 14.88 9.05 8.61
C GLY A 62 14.44 10.48 8.36
N SER A 63 13.24 10.69 7.81
CA SER A 63 12.72 12.01 7.47
C SER A 63 11.55 12.44 8.34
N ILE A 64 10.62 11.52 8.63
CA ILE A 64 9.37 11.85 9.30
C ILE A 64 9.36 11.18 10.67
N SER A 65 9.11 11.98 11.70
CA SER A 65 8.93 11.45 13.04
C SER A 65 7.53 11.68 13.59
N ILE A 66 6.75 12.59 13.01
CA ILE A 66 5.44 12.96 13.53
C ILE A 66 4.44 13.06 12.40
N LEU A 67 3.30 12.40 12.55
CA LEU A 67 2.13 12.59 11.69
C LEU A 67 1.07 13.36 12.46
N GLY A 68 0.35 14.22 11.77
CA GLY A 68 -0.64 15.05 12.44
C GLY A 68 -1.72 15.52 11.52
N SER A 69 -2.87 15.84 12.12
CA SER A 69 -3.98 16.47 11.40
C SER A 69 -4.75 17.34 12.37
N ASP A 70 -5.46 18.33 11.82
CA ASP A 70 -6.15 19.35 12.59
C ASP A 70 -7.53 19.58 11.97
N ASP A 71 -8.33 20.43 12.64
CA ASP A 71 -9.61 20.91 12.12
C ASP A 71 -10.65 19.79 11.94
N ALA A 72 -10.63 18.78 12.80
CA ALA A 72 -11.63 17.72 12.75
C ALA A 72 -12.91 18.20 13.42
N THR A 73 -13.82 18.77 12.64
CA THR A 73 -15.04 19.32 13.23
C THR A 73 -16.15 18.28 13.31
N THR A 74 -16.62 17.76 12.18
CA THR A 74 -17.46 16.58 12.20
C THR A 74 -16.72 15.36 11.66
N SER A 75 -15.46 15.51 11.28
CA SER A 75 -14.66 14.42 10.76
C SER A 75 -13.87 13.77 11.91
N HIS A 76 -13.24 12.63 11.61
CA HIS A 76 -12.48 11.86 12.59
C HIS A 76 -11.05 11.67 12.10
N ILE A 77 -10.11 11.78 13.02
CA ILE A 77 -8.72 11.42 12.77
C ILE A 77 -8.50 9.99 13.27
N VAL A 78 -7.93 9.15 12.42
CA VAL A 78 -7.77 7.73 12.70
C VAL A 78 -6.28 7.40 12.69
N VAL A 79 -5.83 6.69 13.71
CA VAL A 79 -4.46 6.19 13.76
C VAL A 79 -4.50 4.68 13.92
N LEU A 80 -3.91 3.97 12.97
CA LEU A 80 -3.71 2.53 13.07
C LEU A 80 -2.23 2.25 13.19
N ARG A 81 -1.85 1.48 14.20
CA ARG A 81 -0.44 1.20 14.47
C ARG A 81 -0.23 -0.26 14.79
N HIS A 82 0.78 -0.86 14.18
N HIS A 82 0.79 -0.86 14.20
CA HIS A 82 1.26 -2.17 14.60
CA HIS A 82 1.26 -2.19 14.60
C HIS A 82 2.39 -1.93 15.60
C HIS A 82 2.41 -1.98 15.59
N THR A 83 2.17 -2.29 16.86
CA THR A 83 3.13 -1.97 17.91
C THR A 83 4.40 -2.80 17.83
N GLY A 84 4.43 -3.84 17.00
CA GLY A 84 5.61 -4.66 16.84
C GLY A 84 6.66 -4.06 15.93
N ASN A 85 6.29 -3.74 14.69
CA ASN A 85 7.21 -3.09 13.77
C ASN A 85 7.10 -1.57 13.77
N GLY A 86 6.13 -1.01 14.49
CA GLY A 86 5.96 0.43 14.57
C GLY A 86 5.28 1.08 13.39
N ALA A 87 4.81 0.33 12.39
CA ALA A 87 4.15 0.92 11.25
C ALA A 87 2.94 1.69 11.73
N THR A 88 2.81 2.94 11.26
CA THR A 88 1.83 3.87 11.80
C THR A 88 1.18 4.62 10.64
N CYS A 89 -0.14 4.56 10.58
CA CYS A 89 -0.92 5.23 9.55
C CYS A 89 -1.85 6.23 10.23
N LEU A 90 -1.81 7.48 9.78
CA LEU A 90 -2.76 8.49 10.24
C LEU A 90 -3.62 8.89 9.06
N THR A 91 -4.93 8.92 9.30
CA THR A 91 -5.93 9.20 8.28
C THR A 91 -6.92 10.23 8.83
N HIS A 92 -7.36 11.16 7.99
CA HIS A 92 -8.41 12.09 8.37
C HIS A 92 -9.64 11.75 7.53
N CYS A 93 -10.55 10.98 8.13
CA CYS A 93 -11.77 10.53 7.46
C CYS A 93 -12.89 11.56 7.66
N ASP A 94 -13.68 11.78 6.59
CA ASP A 94 -14.78 12.73 6.69
C ASP A 94 -16.12 12.13 6.25
N GLY A 95 -16.21 10.82 6.13
CA GLY A 95 -17.47 10.16 5.79
C GLY A 95 -17.78 10.09 4.31
N THR A 96 -16.83 10.40 3.43
CA THR A 96 -17.08 10.32 2.01
C THR A 96 -17.37 8.88 1.56
N ASP A 97 -16.55 7.94 1.99
CA ASP A 97 -16.69 6.55 1.60
C ASP A 97 -15.95 5.66 2.58
N THR A 98 -16.47 5.56 3.80
CA THR A 98 -15.76 4.83 4.85
C THR A 98 -15.53 3.37 4.48
N LYS A 99 -16.48 2.76 3.78
CA LYS A 99 -16.33 1.36 3.42
C LYS A 99 -15.15 1.16 2.48
N ALA A 100 -14.81 2.15 1.66
CA ALA A 100 -13.61 2.07 0.84
C ALA A 100 -12.36 2.50 1.60
N GLU A 101 -12.51 3.37 2.59
CA GLU A 101 -11.34 4.00 3.19
C GLU A 101 -10.68 3.15 4.26
N VAL A 102 -11.45 2.41 5.07
CA VAL A 102 -10.84 1.55 6.09
C VAL A 102 -9.98 0.46 5.47
N PRO A 103 -10.39 -0.21 4.39
CA PRO A 103 -9.45 -1.12 3.70
C PRO A 103 -8.16 -0.47 3.26
N LEU A 104 -8.18 0.81 2.86
CA LEU A 104 -6.94 1.50 2.52
C LEU A 104 -6.03 1.64 3.74
N ILE A 105 -6.61 1.98 4.90
CA ILE A 105 -5.83 2.07 6.13
C ILE A 105 -5.27 0.70 6.51
N MET A 106 -6.11 -0.34 6.43
CA MET A 106 -5.69 -1.68 6.80
C MET A 106 -4.53 -2.15 5.92
N ASN A 107 -4.65 -1.98 4.60
CA ASN A 107 -3.59 -2.45 3.70
C ASN A 107 -2.30 -1.67 3.88
N SER A 108 -2.41 -0.38 4.24
N SER A 108 -2.41 -0.38 4.22
CA SER A 108 -1.20 0.43 4.44
CA SER A 108 -1.21 0.43 4.44
C SER A 108 -0.34 -0.10 5.58
C SER A 108 -0.34 -0.17 5.55
N ILE A 109 -0.97 -0.71 6.58
CA ILE A 109 -0.24 -1.29 7.71
C ILE A 109 0.11 -2.75 7.45
N LYS A 110 -0.81 -3.52 6.86
CA LYS A 110 -0.61 -4.96 6.74
C LYS A 110 0.52 -5.32 5.81
N SER A 111 0.96 -4.41 4.95
CA SER A 111 2.06 -4.68 4.03
C SER A 111 3.41 -4.74 4.74
N PHE A 112 3.52 -4.16 5.94
CA PHE A 112 4.78 -4.18 6.68
C PHE A 112 5.00 -5.56 7.28
N SER A 113 6.16 -6.14 7.03
CA SER A 113 6.47 -7.43 7.62
C SER A 113 7.30 -7.21 8.88
N ASP A 114 7.79 -8.31 9.45
CA ASP A 114 8.19 -8.34 10.86
C ASP A 114 7.02 -7.90 11.73
N HIS A 115 5.90 -8.60 11.57
CA HIS A 115 4.68 -8.31 12.30
C HIS A 115 4.23 -9.45 13.20
N ALA A 116 4.79 -10.66 13.06
CA ALA A 116 4.29 -11.81 13.79
C ALA A 116 4.91 -11.97 15.16
N GLN A 117 6.16 -11.57 15.34
CA GLN A 117 6.89 -11.89 16.57
C GLN A 117 6.56 -10.96 17.72
N CYS A 118 6.26 -9.69 17.44
CA CYS A 118 6.04 -8.68 18.48
C CYS A 118 4.75 -7.93 18.20
N GLY A 119 4.16 -7.37 19.24
CA GLY A 119 3.13 -6.36 19.12
C GLY A 119 1.80 -6.85 18.57
N ARG A 120 0.95 -5.87 18.27
CA ARG A 120 -0.42 -6.11 17.83
C ARG A 120 -0.90 -4.86 17.10
N LEU A 121 -2.06 -4.99 16.46
CA LEU A 121 -2.70 -3.85 15.80
C LEU A 121 -3.54 -3.05 16.79
N GLU A 122 -3.27 -1.74 16.87
CA GLU A 122 -4.01 -0.83 17.74
C GLU A 122 -4.60 0.31 16.93
N VAL A 123 -5.85 0.67 17.22
CA VAL A 123 -6.54 1.73 16.48
C VAL A 123 -7.00 2.81 17.46
N HIS A 124 -6.96 4.05 16.99
CA HIS A 124 -7.26 5.23 17.77
C HIS A 124 -8.18 6.10 16.93
N LEU A 125 -9.26 6.59 17.52
CA LEU A 125 -10.25 7.40 16.81
C LEU A 125 -10.57 8.63 17.65
N VAL A 126 -10.35 9.82 17.08
CA VAL A 126 -10.65 11.08 17.78
C VAL A 126 -11.29 12.06 16.81
N GLY A 127 -12.19 12.88 17.32
CA GLY A 127 -12.77 13.98 16.56
C GLY A 127 -14.28 14.00 16.64
N GLY A 128 -14.84 15.06 16.06
CA GLY A 128 -16.29 15.18 16.01
C GLY A 128 -16.87 15.77 17.28
N PHE A 129 -18.19 15.91 17.27
CA PHE A 129 -18.94 16.38 18.44
C PHE A 129 -20.40 16.00 18.25
N SER A 130 -21.22 16.37 19.22
CA SER A 130 -22.66 16.08 19.17
C SER A 130 -23.35 17.10 18.26
N ASP A 131 -23.17 16.92 16.95
CA ASP A 131 -23.64 17.88 15.97
C ASP A 131 -25.08 17.59 15.58
N ASP A 132 -25.81 18.67 15.28
CA ASP A 132 -27.24 18.62 14.97
C ASP A 132 -27.56 17.69 13.82
N ARG A 133 -26.65 17.57 12.85
CA ARG A 133 -26.93 16.80 11.64
C ARG A 133 -26.54 15.34 11.75
N GLN A 134 -26.12 14.88 12.93
CA GLN A 134 -25.73 13.49 13.20
C GLN A 134 -24.53 13.04 12.38
N LEU A 135 -23.77 13.98 11.80
CA LEU A 135 -22.67 13.59 10.91
C LEU A 135 -21.56 12.86 11.67
N SER A 136 -21.18 13.36 12.85
N SER A 136 -21.19 13.36 12.85
CA SER A 136 -20.13 12.71 13.62
CA SER A 136 -20.12 12.72 13.61
C SER A 136 -20.55 11.34 14.08
C SER A 136 -20.55 11.34 14.10
N GLN A 137 -21.77 11.23 14.62
CA GLN A 137 -22.26 9.95 15.11
C GLN A 137 -22.33 8.91 13.99
N LYS A 138 -22.75 9.34 12.80
CA LYS A 138 -22.79 8.43 11.66
C LYS A 138 -21.39 7.97 11.27
N LEU A 139 -20.42 8.90 11.26
CA LEU A 139 -19.04 8.53 10.94
C LEU A 139 -18.50 7.54 11.96
N THR A 140 -18.72 7.80 13.26
CA THR A 140 -18.29 6.87 14.31
C THR A 140 -18.83 5.48 14.05
N HIS A 141 -20.14 5.37 13.82
CA HIS A 141 -20.74 4.07 13.55
C HIS A 141 -20.10 3.38 12.34
N GLN A 142 -19.89 4.13 11.25
CA GLN A 142 -19.32 3.53 10.06
C GLN A 142 -17.91 3.01 10.30
N LEU A 143 -17.07 3.81 10.95
CA LEU A 143 -15.68 3.42 11.19
C LEU A 143 -15.61 2.19 12.10
N LEU A 144 -16.35 2.20 13.22
CA LEU A 144 -16.39 1.03 14.10
C LEU A 144 -16.85 -0.21 13.35
N SER A 145 -17.90 -0.07 12.53
CA SER A 145 -18.43 -1.23 11.82
C SER A 145 -17.45 -1.76 10.78
N GLU A 146 -16.81 -0.87 10.02
CA GLU A 146 -15.91 -1.33 8.95
C GLU A 146 -14.66 -1.96 9.53
N PHE A 147 -14.16 -1.44 10.66
CA PHE A 147 -13.02 -2.07 11.31
C PHE A 147 -13.40 -3.42 11.90
N ASP A 148 -14.61 -3.52 12.46
CA ASP A 148 -15.06 -4.76 13.08
C ASP A 148 -15.28 -5.87 12.05
N ARG A 149 -15.49 -5.51 10.79
CA ARG A 149 -15.69 -6.51 9.76
C ARG A 149 -14.37 -7.06 9.20
N GLN A 150 -13.24 -6.52 9.62
CA GLN A 150 -11.95 -7.05 9.21
C GLN A 150 -11.69 -8.41 9.85
N GLU A 151 -10.92 -9.25 9.15
N GLU A 151 -10.90 -9.24 9.15
CA GLU A 151 -10.58 -10.55 9.69
CA GLU A 151 -10.56 -10.56 9.67
C GLU A 151 -9.56 -10.46 10.81
C GLU A 151 -9.54 -10.48 10.79
N ASP A 152 -8.59 -9.55 10.69
CA ASP A 152 -7.54 -9.44 11.71
C ASP A 152 -8.06 -8.79 12.98
N ASP A 153 -7.39 -9.11 14.09
CA ASP A 153 -7.72 -8.56 15.39
C ASP A 153 -7.19 -7.13 15.50
N ILE A 154 -8.09 -6.18 15.70
CA ILE A 154 -7.74 -4.77 15.86
C ILE A 154 -8.15 -4.36 17.27
N HIS A 155 -7.18 -3.92 18.07
CA HIS A 155 -7.43 -3.55 19.46
C HIS A 155 -7.73 -2.06 19.55
N LEU A 156 -8.95 -1.74 19.97
CA LEU A 156 -9.39 -0.36 20.13
C LEU A 156 -8.78 0.23 21.41
N VAL A 157 -7.92 1.24 21.25
CA VAL A 157 -7.17 1.80 22.36
C VAL A 157 -7.64 3.21 22.73
N THR A 158 -7.89 4.06 21.74
CA THR A 158 -8.36 5.43 21.97
C THR A 158 -9.69 5.60 21.26
N LEU A 159 -10.70 6.07 22.00
CA LEU A 159 -11.99 6.40 21.42
C LEU A 159 -12.45 7.70 22.07
N CYS A 160 -12.30 8.83 21.35
CA CYS A 160 -12.69 10.14 21.85
C CYS A 160 -13.38 10.88 20.70
N VAL A 161 -14.59 10.43 20.39
CA VAL A 161 -15.34 10.90 19.23
C VAL A 161 -16.73 11.33 19.66
N THR A 162 -17.32 12.21 18.85
CA THR A 162 -18.72 12.59 18.93
C THR A 162 -19.08 13.04 20.34
N GLU A 163 -19.94 12.30 21.07
CA GLU A 163 -20.37 12.80 22.38
C GLU A 163 -19.22 12.87 23.39
N LEU A 164 -18.23 11.98 23.27
CA LEU A 164 -17.06 12.06 24.14
C LEU A 164 -16.21 13.29 23.86
N ASN A 165 -16.28 13.83 22.66
CA ASN A 165 -15.47 14.96 22.24
C ASN A 165 -16.28 16.26 22.21
N ASP A 166 -17.41 16.31 22.92
CA ASP A 166 -18.34 17.43 22.82
C ASP A 166 -18.20 18.36 24.01
N ARG A 167 -18.25 19.66 23.74
CA ARG A 167 -18.39 20.68 24.78
C ARG A 167 -19.46 21.65 24.32
N GLU A 168 -19.96 22.45 25.27
CA GLU A 168 -21.06 23.36 25.01
C GLU A 168 -20.73 24.73 25.58
N GLU A 169 -21.07 25.77 24.81
CA GLU A 169 -20.92 27.15 25.27
C GLU A 169 -22.08 27.94 24.68
N ASN A 170 -22.88 28.56 25.54
CA ASN A 170 -24.05 29.33 25.12
C ASN A 170 -25.02 28.49 24.30
N GLU A 171 -25.25 27.26 24.75
CA GLU A 171 -26.11 26.28 24.09
C GLU A 171 -25.60 25.89 22.71
N ASN A 172 -24.36 26.25 22.38
CA ASN A 172 -23.72 25.89 21.12
C ASN A 172 -22.69 24.80 21.37
N HIS A 173 -22.81 23.69 20.64
CA HIS A 173 -21.92 22.55 20.82
C HIS A 173 -20.78 22.61 19.81
N PHE A 174 -19.61 22.12 20.24
CA PHE A 174 -18.47 22.05 19.33
C PHE A 174 -17.42 21.09 19.89
N PRO A 175 -16.43 20.69 19.09
CA PRO A 175 -15.49 19.67 19.57
C PRO A 175 -14.54 20.20 20.64
N VAL A 176 -14.11 19.26 21.49
CA VAL A 176 -12.99 19.51 22.41
C VAL A 176 -11.67 19.41 21.66
N ILE A 177 -11.41 18.24 21.08
CA ILE A 177 -10.17 17.97 20.35
C ILE A 177 -10.43 18.20 18.87
N TYR A 178 -9.74 19.19 18.28
CA TYR A 178 -9.75 19.38 16.84
C TYR A 178 -8.57 18.71 16.14
N GLY A 179 -7.47 18.46 16.84
CA GLY A 179 -6.27 17.97 16.19
C GLY A 179 -5.42 17.14 17.12
N ILE A 180 -4.70 16.17 16.54
CA ILE A 180 -3.77 15.34 17.28
C ILE A 180 -2.54 15.08 16.43
N ALA A 181 -1.44 14.77 17.12
CA ALA A 181 -0.19 14.32 16.53
C ALA A 181 0.13 12.92 17.04
N VAL A 182 0.83 12.14 16.23
CA VAL A 182 1.37 10.86 16.68
C VAL A 182 2.87 10.85 16.41
N ASN A 183 3.65 10.56 17.45
CA ASN A 183 5.09 10.42 17.32
C ASN A 183 5.39 8.97 16.96
N ILE A 184 5.98 8.76 15.78
CA ILE A 184 6.09 7.40 15.27
C ILE A 184 7.12 6.60 16.08
N LYS A 185 8.17 7.25 16.55
CA LYS A 185 9.19 6.54 17.32
C LYS A 185 8.70 6.15 18.71
N THR A 186 8.07 7.10 19.41
CA THR A 186 7.68 6.87 20.81
C THR A 186 6.27 6.32 20.96
N ALA A 187 5.46 6.36 19.90
CA ALA A 187 4.07 5.92 19.87
C ALA A 187 3.12 6.82 20.67
N GLU A 188 3.58 8.00 21.10
N GLU A 188 3.56 8.00 21.08
CA GLU A 188 2.72 8.93 21.82
CA GLU A 188 2.71 8.91 21.84
C GLU A 188 1.71 9.57 20.87
C GLU A 188 1.73 9.63 20.93
N ILE A 189 0.46 9.64 21.32
CA ILE A 189 -0.59 10.35 20.60
C ILE A 189 -1.07 11.47 21.50
N TYR A 190 -1.08 12.71 20.98
CA TYR A 190 -1.32 13.83 21.86
C TYR A 190 -2.03 14.95 21.13
N ARG A 191 -2.70 15.80 21.91
CA ARG A 191 -3.41 16.96 21.38
C ARG A 191 -2.44 17.95 20.77
N ALA A 192 -2.75 18.42 19.57
CA ALA A 192 -1.79 19.22 18.81
C ALA A 192 -2.52 20.17 17.88
N SER A 193 -1.84 21.28 17.58
CA SER A 193 -2.24 22.20 16.52
C SER A 193 -1.03 22.45 15.64
N PHE A 194 -1.29 22.83 14.39
CA PHE A 194 -0.26 22.88 13.36
C PHE A 194 -0.39 24.18 12.56
N GLN A 195 0.63 25.02 12.61
CA GLN A 195 0.65 26.24 11.81
C GLN A 195 1.28 26.03 10.45
N ASP A 196 2.16 25.03 10.29
CA ASP A 196 2.86 24.77 9.05
C ASP A 196 2.27 23.50 8.43
N ARG A 197 1.37 23.67 7.47
CA ARG A 197 0.66 22.56 6.87
C ARG A 197 1.08 22.27 5.43
N GLY A 198 2.21 22.83 4.98
CA GLY A 198 2.65 22.61 3.61
C GLY A 198 3.21 21.22 3.42
N PRO A 199 3.62 20.91 2.18
CA PRO A 199 3.60 21.73 0.97
C PRO A 199 2.34 21.53 0.12
N GLU A 200 2.19 22.38 -0.90
CA GLU A 200 1.06 22.31 -1.82
C GLU A 200 -0.28 22.34 -1.08
N GLU A 201 -0.35 23.20 -0.06
CA GLU A 201 -1.53 23.20 0.81
C GLU A 201 -2.80 23.54 0.03
N GLN A 202 -2.72 24.50 -0.89
CA GLN A 202 -3.92 24.91 -1.63
C GLN A 202 -4.30 23.87 -2.69
N LEU A 203 -3.32 23.31 -3.39
CA LEU A 203 -3.62 22.28 -4.38
C LEU A 203 -4.33 21.09 -3.73
N ARG A 204 -3.81 20.65 -2.58
CA ARG A 204 -4.39 19.48 -1.90
C ARG A 204 -5.79 19.80 -1.36
N ALA A 205 -5.96 21.00 -0.78
CA ALA A 205 -7.28 21.41 -0.31
C ALA A 205 -8.28 21.53 -1.45
N ALA A 206 -7.85 22.08 -2.60
CA ALA A 206 -8.75 22.21 -3.74
C ALA A 206 -9.16 20.84 -4.29
N ARG A 207 -8.24 19.88 -4.29
CA ARG A 207 -8.56 18.53 -4.76
C ARG A 207 -9.72 17.95 -3.97
N THR A 208 -9.71 18.14 -2.65
CA THR A 208 -10.78 17.58 -1.83
C THR A 208 -12.06 18.41 -1.91
N LEU A 209 -11.95 19.74 -1.92
CA LEU A 209 -13.14 20.57 -2.07
C LEU A 209 -13.83 20.27 -3.39
N ALA A 210 -13.07 19.93 -4.43
CA ALA A 210 -13.63 19.54 -5.72
C ALA A 210 -14.13 18.10 -5.75
N GLY A 211 -14.05 17.38 -4.63
CA GLY A 211 -14.68 16.07 -4.52
C GLY A 211 -13.78 14.86 -4.70
N GLY A 212 -12.46 15.02 -4.61
CA GLY A 212 -11.56 13.90 -4.78
C GLY A 212 -11.68 12.91 -3.64
N PRO A 213 -11.34 11.65 -3.89
CA PRO A 213 -11.45 10.62 -2.84
C PRO A 213 -10.23 10.60 -1.93
N MET A 214 -10.27 9.67 -0.97
N MET A 214 -10.23 9.64 -1.00
CA MET A 214 -9.12 9.42 -0.13
CA MET A 214 -9.11 9.51 -0.07
C MET A 214 -7.91 9.06 -0.98
C MET A 214 -7.88 8.91 -0.77
N ILE A 215 -6.75 9.57 -0.60
CA ILE A 215 -5.50 9.22 -1.29
C ILE A 215 -4.39 9.08 -0.26
N SER A 216 -3.42 8.22 -0.58
CA SER A 216 -2.18 8.08 0.17
C SER A 216 -1.13 9.02 -0.41
N ILE A 217 -0.52 9.83 0.45
CA ILE A 217 0.33 10.93 -0.01
C ILE A 217 1.82 10.67 0.14
N TYR A 218 2.24 9.65 0.89
CA TYR A 218 3.64 9.53 1.27
C TYR A 218 4.16 8.15 0.92
N ASP A 219 5.36 8.12 0.31
CA ASP A 219 6.06 6.88 -0.02
C ASP A 219 7.18 6.70 0.99
N ALA A 220 6.95 5.82 1.98
CA ALA A 220 7.92 5.65 3.06
C ALA A 220 9.21 5.01 2.57
N GLU A 221 9.15 4.22 1.50
CA GLU A 221 10.35 3.56 1.02
C GLU A 221 11.38 4.58 0.54
N THR A 222 10.94 5.56 -0.25
CA THR A 222 11.80 6.61 -0.75
C THR A 222 11.78 7.87 0.12
N GLU A 223 10.95 7.90 1.16
CA GLU A 223 10.76 9.07 2.02
C GLU A 223 10.38 10.29 1.18
N GLN A 224 9.49 10.07 0.22
CA GLN A 224 9.02 11.07 -0.73
C GLN A 224 7.56 11.36 -0.46
N LEU A 225 7.22 12.64 -0.30
CA LEU A 225 5.84 13.05 -0.45
C LEU A 225 5.53 13.16 -1.94
N ARG A 226 4.41 12.57 -2.37
CA ARG A 226 4.06 12.51 -3.79
C ARG A 226 2.69 13.15 -3.99
N ILE A 227 2.66 14.30 -4.64
CA ILE A 227 1.46 15.11 -4.75
C ILE A 227 1.04 15.12 -6.21
N GLY A 228 -0.06 14.44 -6.52
CA GLY A 228 -0.63 14.49 -7.84
C GLY A 228 -0.05 13.44 -8.78
N PRO A 229 -0.41 13.51 -10.07
CA PRO A 229 -1.34 14.48 -10.66
C PRO A 229 -2.79 14.33 -10.18
N TYR A 230 -3.48 15.46 -10.08
CA TYR A 230 -4.89 15.49 -9.76
C TYR A 230 -5.65 16.10 -10.94
N SER A 231 -6.94 15.85 -10.99
CA SER A 231 -7.78 16.38 -12.06
C SER A 231 -9.15 16.72 -11.49
N TRP A 232 -9.76 17.77 -12.04
CA TRP A 232 -11.13 18.11 -11.71
C TRP A 232 -11.70 18.99 -12.81
N THR A 233 -13.02 19.10 -12.82
CA THR A 233 -13.73 20.02 -13.70
C THR A 233 -13.97 21.33 -12.96
N PRO A 234 -14.26 22.43 -13.68
CA PRO A 234 -14.38 23.73 -13.02
C PRO A 234 -15.37 23.71 -11.87
N PHE A 235 -14.98 24.34 -10.76
CA PHE A 235 -15.80 24.33 -9.57
C PHE A 235 -17.00 25.25 -9.78
N PRO A 236 -18.23 24.77 -9.57
CA PRO A 236 -19.41 25.57 -9.92
C PRO A 236 -19.54 26.83 -9.08
N HIS A 237 -19.79 27.95 -9.75
CA HIS A 237 -20.08 29.23 -9.12
C HIS A 237 -18.92 29.67 -8.20
N VAL A 238 -17.69 29.38 -8.62
CA VAL A 238 -16.54 29.67 -7.77
C VAL A 238 -16.40 31.18 -7.56
N ASP A 239 -16.63 31.99 -8.60
CA ASP A 239 -16.62 33.44 -8.45
C ASP A 239 -17.69 33.91 -7.48
N PHE A 240 -18.91 33.38 -7.62
CA PHE A 240 -20.00 33.77 -6.73
C PHE A 240 -19.65 33.52 -5.27
N TRP A 241 -19.15 32.31 -4.96
CA TRP A 241 -18.82 32.00 -3.57
C TRP A 241 -17.67 32.86 -3.06
N LEU A 242 -16.74 33.24 -3.94
CA LEU A 242 -15.67 34.14 -3.52
C LEU A 242 -16.19 35.52 -3.15
N HIS A 243 -17.36 35.91 -3.63
CA HIS A 243 -17.91 37.23 -3.34
C HIS A 243 -18.88 37.23 -2.17
N GLN A 244 -19.10 36.08 -1.52
CA GLN A 244 -20.01 36.04 -0.38
C GLN A 244 -19.28 36.41 0.92
N ASP A 245 -20.05 36.87 1.90
CA ASP A 245 -19.45 37.27 3.16
C ASP A 245 -19.20 36.04 4.04
N ASP A 246 -18.48 36.27 5.14
CA ASP A 246 -18.02 35.15 5.98
C ASP A 246 -19.19 34.31 6.49
N LYS A 247 -20.30 34.95 6.86
CA LYS A 247 -21.44 34.22 7.40
C LYS A 247 -22.06 33.31 6.35
N GLN A 248 -22.18 33.78 5.11
CA GLN A 248 -22.77 32.96 4.07
C GLN A 248 -21.88 31.79 3.69
N ILE A 249 -20.55 32.01 3.70
CA ILE A 249 -19.62 30.92 3.41
C ILE A 249 -19.71 29.85 4.51
N LEU A 250 -19.76 30.28 5.77
CA LEU A 250 -19.85 29.33 6.88
C LEU A 250 -21.14 28.52 6.82
N GLU A 251 -22.27 29.17 6.52
CA GLU A 251 -23.55 28.46 6.56
C GLU A 251 -23.70 27.47 5.40
N ASN A 252 -23.02 27.70 4.29
CA ASN A 252 -23.24 26.89 3.11
C ASN A 252 -22.08 25.98 2.74
N LEU A 253 -20.84 26.35 3.07
CA LEU A 253 -19.68 25.55 2.71
C LEU A 253 -19.10 24.77 3.88
N SER A 254 -19.72 24.85 5.06
CA SER A 254 -19.29 24.07 6.21
C SER A 254 -20.39 23.10 6.61
N THR A 255 -19.96 21.94 7.14
CA THR A 255 -20.90 20.95 7.67
C THR A 255 -21.51 21.36 9.00
N SER A 256 -20.91 22.33 9.69
CA SER A 256 -21.37 22.74 11.02
C SER A 256 -20.98 24.19 11.21
N PRO A 257 -21.86 25.12 10.84
CA PRO A 257 -21.44 26.53 10.72
C PRO A 257 -20.97 27.17 12.01
N LEU A 258 -21.47 26.73 13.17
CA LEU A 258 -21.13 27.38 14.42
C LEU A 258 -20.03 26.65 15.20
N ALA A 259 -19.45 25.59 14.62
CA ALA A 259 -18.42 24.81 15.29
C ALA A 259 -17.07 24.87 14.58
N GLU A 260 -16.93 25.62 13.49
CA GLU A 260 -15.68 25.61 12.76
C GLU A 260 -14.61 26.41 13.50
N PRO A 261 -13.33 26.05 13.33
CA PRO A 261 -12.24 26.84 13.92
C PRO A 261 -12.19 28.23 13.30
N PRO A 262 -11.55 29.18 13.99
CA PRO A 262 -11.70 30.59 13.59
C PRO A 262 -11.17 30.91 12.20
N HIS A 263 -10.19 30.16 11.71
CA HIS A 263 -9.60 30.44 10.40
C HIS A 263 -10.29 29.69 9.26
N PHE A 264 -11.46 29.08 9.52
CA PHE A 264 -12.11 28.26 8.50
C PHE A 264 -12.38 29.06 7.23
N VAL A 265 -13.00 30.24 7.34
CA VAL A 265 -13.40 30.99 6.15
C VAL A 265 -12.17 31.43 5.35
N GLU A 266 -11.14 31.93 6.03
CA GLU A 266 -9.94 32.34 5.31
C GLU A 266 -9.32 31.16 4.57
N HIS A 267 -9.34 29.96 5.17
CA HIS A 267 -8.81 28.79 4.49
C HIS A 267 -9.62 28.44 3.25
N ILE A 268 -10.94 28.53 3.34
CA ILE A 268 -11.76 28.13 2.20
C ILE A 268 -11.71 29.19 1.09
N ARG A 269 -11.53 30.46 1.44
CA ARG A 269 -11.37 31.49 0.43
C ARG A 269 -10.11 31.25 -0.39
N SER A 270 -9.02 30.87 0.27
CA SER A 270 -7.80 30.57 -0.49
C SER A 270 -7.96 29.31 -1.34
N THR A 271 -8.73 28.34 -0.88
CA THR A 271 -9.00 27.16 -1.70
C THR A 271 -9.87 27.52 -2.92
N LEU A 272 -10.91 28.33 -2.71
CA LEU A 272 -11.74 28.77 -3.83
C LEU A 272 -10.94 29.59 -4.83
N MET A 273 -10.01 30.42 -4.35
CA MET A 273 -9.17 31.19 -5.26
C MET A 273 -8.30 30.26 -6.11
N PHE A 274 -7.72 29.23 -5.50
CA PHE A 274 -6.96 28.24 -6.25
C PHE A 274 -7.83 27.61 -7.33
N LEU A 275 -9.03 27.18 -6.97
CA LEU A 275 -9.92 26.56 -7.95
C LEU A 275 -10.27 27.54 -9.06
N LYS A 276 -10.50 28.81 -8.71
CA LYS A 276 -10.79 29.80 -9.74
C LYS A 276 -9.61 29.97 -10.68
N LYS A 277 -8.39 29.99 -10.15
CA LYS A 277 -7.22 30.17 -10.99
C LYS A 277 -6.87 28.92 -11.78
N HIS A 278 -7.21 27.73 -11.26
CA HIS A 278 -6.85 26.47 -11.88
C HIS A 278 -8.07 25.59 -12.08
N PRO A 279 -8.92 25.94 -13.05
CA PRO A 279 -10.12 25.13 -13.29
C PRO A 279 -9.82 23.77 -13.91
N SER A 280 -8.64 23.56 -14.49
CA SER A 280 -8.26 22.27 -15.07
C SER A 280 -6.78 22.01 -14.83
N PRO A 281 -6.43 21.42 -13.69
CA PRO A 281 -5.01 21.33 -13.31
C PRO A 281 -4.23 20.20 -13.95
N ALA A 282 -4.91 19.19 -14.51
CA ALA A 282 -4.25 17.94 -14.87
C ALA A 282 -3.09 18.14 -15.84
N HIS A 283 -3.21 19.09 -16.78
CA HIS A 283 -2.16 19.31 -17.76
C HIS A 283 -1.53 20.69 -17.64
N THR A 284 -1.85 21.47 -16.61
CA THR A 284 -1.18 22.74 -16.35
C THR A 284 -0.27 22.72 -15.13
N LEU A 285 -0.59 21.93 -14.10
CA LEU A 285 0.22 21.90 -12.90
C LEU A 285 1.15 20.70 -12.83
N PHE A 286 1.04 19.77 -13.79
CA PHE A 286 1.84 18.56 -13.78
C PHE A 286 2.39 18.33 -15.19
N SER A 287 3.51 17.63 -15.26
CA SER A 287 4.21 17.40 -16.51
C SER A 287 4.28 15.91 -16.80
N GLY A 288 3.74 15.50 -17.93
CA GLY A 288 3.82 14.09 -18.32
C GLY A 288 3.29 13.13 -17.27
N ASN A 289 2.25 13.54 -16.55
CA ASN A 289 1.61 12.74 -15.51
C ASN A 289 2.54 12.43 -14.34
N LYS A 290 3.57 13.24 -14.12
CA LYS A 290 4.48 13.02 -13.00
C LYS A 290 3.99 13.72 -11.74
N ALA A 291 4.10 13.02 -10.60
CA ALA A 291 3.80 13.62 -9.31
C ALA A 291 4.79 14.73 -9.00
N LEU A 292 4.33 15.71 -8.22
CA LEU A 292 5.25 16.64 -7.57
C LEU A 292 5.88 15.96 -6.36
N LEU A 293 7.20 16.01 -6.27
CA LEU A 293 7.94 15.23 -5.30
C LEU A 293 8.59 16.16 -4.28
N TYR A 294 8.39 15.87 -3.01
CA TYR A 294 8.98 16.64 -1.92
C TYR A 294 9.69 15.69 -0.99
N LYS A 295 10.83 16.13 -0.47
CA LYS A 295 11.60 15.38 0.51
C LYS A 295 11.98 16.31 1.64
N LYS A 296 12.27 15.73 2.81
CA LYS A 296 12.73 16.53 3.93
C LYS A 296 14.19 16.92 3.70
N ASN A 297 14.51 18.19 3.97
CA ASN A 297 15.89 18.64 3.84
C ASN A 297 16.61 18.46 5.17
N GLU A 298 17.84 18.95 5.25
CA GLU A 298 18.68 18.74 6.44
C GLU A 298 18.05 19.31 7.70
N ASP A 299 17.29 20.39 7.58
CA ASP A 299 16.71 21.04 8.74
C ASP A 299 15.29 20.59 9.03
N GLY A 300 14.79 19.58 8.33
CA GLY A 300 13.48 19.02 8.60
C GLY A 300 12.32 19.69 7.91
N LEU A 301 12.59 20.53 6.92
CA LEU A 301 11.55 21.18 6.14
C LEU A 301 11.40 20.47 4.80
N TRP A 302 10.20 20.60 4.23
CA TRP A 302 9.95 20.03 2.91
C TRP A 302 10.64 20.86 1.83
N GLU A 303 11.19 20.18 0.84
CA GLU A 303 11.81 20.80 -0.32
C GLU A 303 11.38 20.06 -1.58
N LYS A 304 11.13 20.80 -2.65
CA LYS A 304 10.72 20.18 -3.90
C LYS A 304 11.94 19.62 -4.63
N ILE A 305 11.80 18.42 -5.18
CA ILE A 305 12.85 17.78 -5.94
C ILE A 305 12.34 17.48 -7.34
N SER A 306 13.28 17.37 -8.28
CA SER A 306 12.99 17.04 -9.68
C SER A 306 11.89 17.89 -10.31
N PRO B 2 -13.81 -7.48 -4.10
CA PRO B 2 -14.14 -8.85 -4.45
C PRO B 2 -13.59 -9.26 -5.83
N LEU B 3 -13.37 -10.56 -6.01
CA LEU B 3 -12.89 -11.09 -7.27
C LEU B 3 -14.07 -11.30 -8.21
N LEU B 4 -13.98 -10.77 -9.43
CA LEU B 4 -15.05 -10.85 -10.41
C LEU B 4 -14.58 -11.59 -11.66
N VAL B 5 -15.46 -12.43 -12.20
CA VAL B 5 -15.27 -13.04 -13.50
C VAL B 5 -16.54 -12.84 -14.30
N GLU B 6 -16.41 -12.30 -15.51
CA GLU B 6 -17.55 -11.93 -16.36
C GLU B 6 -18.52 -11.01 -15.63
N GLY B 7 -17.98 -10.15 -14.75
CA GLY B 7 -18.79 -9.23 -13.98
C GLY B 7 -19.54 -9.83 -12.83
N ARG B 8 -19.36 -11.12 -12.55
CA ARG B 8 -20.05 -11.78 -11.45
C ARG B 8 -19.04 -12.20 -10.39
N ARG B 9 -19.52 -12.36 -9.16
CA ARG B 9 -18.64 -12.67 -8.06
C ARG B 9 -18.23 -14.14 -8.06
N VAL B 10 -16.94 -14.37 -7.85
CA VAL B 10 -16.41 -15.70 -7.63
C VAL B 10 -16.74 -16.14 -6.21
N ARG B 11 -17.26 -17.35 -6.05
CA ARG B 11 -17.50 -17.93 -4.74
C ARG B 11 -16.35 -18.89 -4.42
N LEU B 12 -15.65 -18.61 -3.33
CA LEU B 12 -14.52 -19.40 -2.88
C LEU B 12 -14.88 -20.19 -1.63
N PRO B 13 -14.17 -21.27 -1.31
CA PRO B 13 -13.02 -21.83 -2.03
C PRO B 13 -13.44 -22.64 -3.25
N GLN B 14 -12.47 -22.91 -4.12
CA GLN B 14 -12.72 -23.55 -5.40
C GLN B 14 -11.39 -23.76 -6.10
N SER B 15 -11.15 -24.96 -6.62
CA SER B 15 -9.92 -25.24 -7.34
C SER B 15 -9.87 -24.41 -8.63
N ALA B 16 -8.64 -24.17 -9.10
CA ALA B 16 -8.47 -23.44 -10.35
C ALA B 16 -9.17 -24.14 -11.50
N GLY B 17 -9.10 -25.48 -11.54
CA GLY B 17 -9.75 -26.22 -12.61
C GLY B 17 -11.26 -26.01 -12.63
N ASP B 18 -11.88 -26.08 -11.46
CA ASP B 18 -13.32 -25.84 -11.37
C ASP B 18 -13.66 -24.41 -11.77
N LEU B 19 -12.78 -23.46 -11.44
CA LEU B 19 -13.04 -22.06 -11.76
C LEU B 19 -13.10 -21.84 -13.27
N VAL B 20 -12.09 -22.31 -14.00
CA VAL B 20 -12.05 -22.02 -15.43
C VAL B 20 -13.01 -22.91 -16.21
N ARG B 21 -13.37 -24.09 -15.69
CA ARG B 21 -14.42 -24.88 -16.31
C ARG B 21 -15.76 -24.18 -16.25
N ALA B 22 -15.95 -23.28 -15.28
CA ALA B 22 -17.20 -22.55 -15.15
C ALA B 22 -17.22 -21.27 -15.95
N HIS B 23 -16.08 -20.86 -16.53
CA HIS B 23 -15.98 -19.55 -17.18
C HIS B 23 -15.18 -19.67 -18.47
N PRO B 24 -15.87 -19.82 -19.60
CA PRO B 24 -15.19 -20.08 -20.89
C PRO B 24 -14.13 -19.05 -21.23
N PRO B 25 -14.33 -17.75 -20.98
CA PRO B 25 -13.24 -16.80 -21.29
C PRO B 25 -11.96 -17.10 -20.52
N LEU B 26 -12.08 -17.50 -19.25
CA LEU B 26 -10.90 -17.89 -18.48
C LEU B 26 -10.22 -19.09 -19.10
N GLU B 27 -11.02 -20.09 -19.49
CA GLU B 27 -10.47 -21.31 -20.06
C GLU B 27 -9.77 -21.01 -21.40
N GLU B 28 -10.38 -20.16 -22.22
CA GLU B 28 -9.76 -19.80 -23.48
C GLU B 28 -8.44 -19.05 -23.27
N ARG B 29 -8.41 -18.13 -22.31
CA ARG B 29 -7.19 -17.36 -22.07
C ARG B 29 -6.05 -18.25 -21.59
N ALA B 30 -6.36 -19.25 -20.76
CA ALA B 30 -5.31 -20.17 -20.32
C ALA B 30 -4.80 -21.02 -21.48
N ARG B 31 -5.71 -21.52 -22.32
CA ARG B 31 -5.27 -22.30 -23.47
C ARG B 31 -4.40 -21.48 -24.41
N LEU B 32 -4.77 -20.21 -24.61
CA LEU B 32 -4.00 -19.33 -25.49
C LEU B 32 -2.61 -19.06 -24.92
N LEU B 33 -2.53 -18.75 -23.62
CA LEU B 33 -1.23 -18.46 -23.02
C LEU B 33 -0.34 -19.68 -23.05
N ARG B 34 -0.88 -20.84 -22.66
CA ARG B 34 -0.11 -22.09 -22.71
C ARG B 34 0.44 -22.34 -24.10
N GLY B 35 -0.37 -22.10 -25.13
CA GLY B 35 0.01 -22.40 -26.50
C GLY B 35 1.03 -21.47 -27.11
N GLN B 36 1.42 -20.40 -26.41
CA GLN B 36 2.41 -19.49 -26.96
C GLN B 36 3.79 -20.12 -26.98
N SER B 37 4.60 -19.71 -27.95
CA SER B 37 6.02 -19.98 -27.88
C SER B 37 6.70 -18.99 -26.95
N VAL B 38 7.78 -19.43 -26.31
CA VAL B 38 8.46 -18.63 -25.30
C VAL B 38 9.33 -17.59 -25.99
N GLN B 39 9.10 -16.32 -25.68
CA GLN B 39 9.95 -15.26 -26.23
C GLN B 39 11.16 -15.03 -25.34
N GLN B 40 12.31 -14.88 -25.98
CA GLN B 40 13.55 -14.58 -25.27
C GLN B 40 13.68 -13.06 -25.17
N VAL B 41 13.45 -12.53 -23.98
CA VAL B 41 13.36 -11.08 -23.77
C VAL B 41 14.74 -10.57 -23.35
N GLY B 42 15.26 -9.60 -24.10
CA GLY B 42 16.55 -9.03 -23.79
C GLY B 42 16.46 -7.98 -22.72
N PRO B 43 17.61 -7.40 -22.37
CA PRO B 43 17.67 -6.47 -21.24
C PRO B 43 17.14 -5.07 -21.54
N GLN B 44 16.95 -4.71 -22.80
CA GLN B 44 16.59 -3.33 -23.14
C GLN B 44 15.17 -3.01 -22.67
N GLY B 45 15.05 -2.00 -21.82
CA GLY B 45 13.76 -1.60 -21.27
C GLY B 45 13.16 -2.59 -20.30
N LEU B 46 13.91 -3.59 -19.87
CA LEU B 46 13.39 -4.65 -19.02
C LEU B 46 13.67 -4.36 -17.55
N LEU B 47 12.70 -4.66 -16.70
CA LEU B 47 12.91 -4.77 -15.26
C LEU B 47 12.59 -6.21 -14.88
N TYR B 48 13.61 -6.98 -14.55
CA TYR B 48 13.43 -8.37 -14.15
C TYR B 48 13.19 -8.44 -12.64
N VAL B 49 12.11 -9.11 -12.26
CA VAL B 49 11.70 -9.25 -10.86
C VAL B 49 12.00 -10.68 -10.42
N GLN B 50 12.76 -10.82 -9.33
CA GLN B 50 13.05 -12.14 -8.80
C GLN B 50 11.90 -12.65 -7.94
N GLN B 51 11.95 -13.94 -7.62
CA GLN B 51 11.07 -14.50 -6.62
C GLN B 51 11.17 -13.70 -5.32
N ARG B 52 10.02 -13.46 -4.71
CA ARG B 52 9.87 -12.66 -3.48
C ARG B 52 10.25 -11.19 -3.69
N GLU B 53 10.09 -10.68 -4.91
CA GLU B 53 10.23 -9.26 -5.17
C GLU B 53 8.99 -8.76 -5.89
N LEU B 54 8.80 -7.46 -5.86
CA LEU B 54 7.67 -6.80 -6.50
C LEU B 54 8.15 -5.52 -7.16
N ALA B 55 7.59 -5.21 -8.33
CA ALA B 55 7.85 -3.92 -8.97
C ALA B 55 6.54 -3.37 -9.52
N VAL B 56 6.37 -2.05 -9.44
CA VAL B 56 5.23 -1.38 -10.03
C VAL B 56 5.71 -0.19 -10.85
N THR B 57 5.12 0.00 -12.02
CA THR B 57 5.42 1.11 -12.91
C THR B 57 4.17 1.43 -13.72
N SER B 58 4.29 2.34 -14.67
CA SER B 58 3.15 2.77 -15.47
C SER B 58 3.68 3.35 -16.78
N PRO B 59 2.81 3.51 -17.80
CA PRO B 59 3.28 4.04 -19.09
C PRO B 59 3.92 5.42 -19.01
N LYS B 60 3.67 6.19 -17.96
CA LYS B 60 4.38 7.46 -17.84
C LYS B 60 5.87 7.27 -17.61
N ASP B 61 6.29 6.05 -17.26
CA ASP B 61 7.71 5.73 -17.15
C ASP B 61 8.21 5.34 -18.54
N GLY B 62 9.01 6.21 -19.15
CA GLY B 62 9.54 5.89 -20.45
C GLY B 62 10.57 4.78 -20.44
N SER B 63 11.27 4.60 -19.31
CA SER B 63 12.46 3.77 -19.29
C SER B 63 12.16 2.28 -19.12
N ILE B 64 10.99 1.90 -18.60
CA ILE B 64 10.63 0.50 -18.43
C ILE B 64 9.48 0.19 -19.38
N SER B 65 9.73 -0.72 -20.33
CA SER B 65 8.65 -1.18 -21.21
C SER B 65 8.19 -2.59 -20.91
N ILE B 66 8.97 -3.38 -20.17
CA ILE B 66 8.61 -4.77 -19.89
C ILE B 66 8.98 -5.11 -18.46
N LEU B 67 8.03 -5.69 -17.73
CA LEU B 67 8.28 -6.37 -16.47
C LEU B 67 8.25 -7.87 -16.69
N GLY B 68 9.06 -8.60 -15.92
CA GLY B 68 9.11 -10.03 -16.11
C GLY B 68 9.67 -10.76 -14.91
N SER B 69 9.36 -12.05 -14.85
CA SER B 69 9.95 -12.95 -13.87
C SER B 69 9.99 -14.35 -14.46
N ASP B 70 10.86 -15.19 -13.91
CA ASP B 70 11.14 -16.50 -14.47
C ASP B 70 11.34 -17.48 -13.33
N ASP B 71 11.55 -18.75 -13.70
CA ASP B 71 11.94 -19.82 -12.77
C ASP B 71 10.84 -20.17 -11.77
N ALA B 72 9.58 -19.98 -12.13
CA ALA B 72 8.49 -20.32 -11.23
C ALA B 72 8.21 -21.83 -11.31
N THR B 73 8.31 -22.52 -10.18
CA THR B 73 7.94 -23.93 -10.13
C THR B 73 6.66 -24.10 -9.31
N THR B 74 6.73 -23.99 -7.98
CA THR B 74 5.51 -23.99 -7.18
C THR B 74 5.01 -22.56 -6.90
N SER B 75 5.80 -21.57 -7.22
CA SER B 75 5.46 -20.17 -6.98
C SER B 75 4.53 -19.65 -8.07
N HIS B 76 3.96 -18.47 -7.85
CA HIS B 76 3.04 -17.84 -8.78
C HIS B 76 3.55 -16.45 -9.16
N ILE B 77 3.46 -16.12 -10.44
CA ILE B 77 3.70 -14.76 -10.90
C ILE B 77 2.36 -14.04 -10.99
N VAL B 78 2.26 -12.89 -10.35
CA VAL B 78 1.01 -12.15 -10.23
C VAL B 78 1.20 -10.82 -10.95
N VAL B 79 0.25 -10.48 -11.81
CA VAL B 79 0.21 -9.18 -12.48
C VAL B 79 -1.11 -8.53 -12.14
N LEU B 80 -1.05 -7.32 -11.59
CA LEU B 80 -2.22 -6.48 -11.37
C LEU B 80 -2.10 -5.23 -12.23
N ARG B 81 -3.16 -4.91 -12.98
CA ARG B 81 -3.16 -3.78 -13.90
C ARG B 81 -4.32 -2.84 -13.60
N HIS B 82 -4.01 -1.56 -13.48
CA HIS B 82 -5.02 -0.50 -13.40
C HIS B 82 -5.25 0.02 -14.81
N THR B 83 -6.40 -0.31 -15.41
CA THR B 83 -6.62 0.09 -16.79
C THR B 83 -6.92 1.58 -16.96
N GLY B 84 -7.17 2.30 -15.87
CA GLY B 84 -7.38 3.73 -16.00
C GLY B 84 -6.11 4.53 -16.21
N ASN B 85 -5.03 4.14 -15.55
CA ASN B 85 -3.75 4.85 -15.68
C ASN B 85 -2.61 3.95 -16.11
N GLY B 86 -2.89 2.69 -16.43
CA GLY B 86 -1.86 1.78 -16.89
C GLY B 86 -0.89 1.30 -15.84
N ALA B 87 -1.08 1.66 -14.56
CA ALA B 87 -0.21 1.16 -13.51
C ALA B 87 -0.19 -0.37 -13.52
N THR B 88 1.02 -0.93 -13.45
CA THR B 88 1.20 -2.36 -13.61
C THR B 88 2.17 -2.84 -12.55
N CYS B 89 1.74 -3.80 -11.75
CA CYS B 89 2.53 -4.35 -10.68
C CYS B 89 2.78 -5.82 -11.00
N LEU B 90 4.05 -6.21 -11.03
CA LEU B 90 4.40 -7.62 -11.23
C LEU B 90 5.09 -8.12 -9.99
N THR B 91 4.62 -9.26 -9.49
CA THR B 91 5.20 -9.86 -8.31
C THR B 91 5.38 -11.36 -8.54
N HIS B 92 6.41 -11.91 -7.92
CA HIS B 92 6.65 -13.35 -7.93
C HIS B 92 6.49 -13.85 -6.49
N CYS B 93 5.31 -14.39 -6.17
CA CYS B 93 4.96 -14.84 -4.83
C CYS B 93 5.33 -16.30 -4.64
N ASP B 94 5.81 -16.64 -3.44
CA ASP B 94 6.17 -18.03 -3.14
C ASP B 94 5.53 -18.55 -1.86
N GLY B 95 4.46 -17.90 -1.37
CA GLY B 95 3.77 -18.36 -0.19
C GLY B 95 4.41 -17.99 1.13
N THR B 96 5.46 -17.16 1.12
CA THR B 96 6.07 -16.75 2.37
C THR B 96 5.08 -16.02 3.28
N ASP B 97 4.37 -15.02 2.72
CA ASP B 97 3.41 -14.29 3.53
C ASP B 97 2.36 -13.62 2.64
N THR B 98 1.50 -14.43 2.02
CA THR B 98 0.51 -13.90 1.09
C THR B 98 -0.36 -12.83 1.75
N LYS B 99 -0.65 -12.99 3.04
CA LYS B 99 -1.52 -12.04 3.74
C LYS B 99 -0.90 -10.65 3.86
N ALA B 100 0.43 -10.55 3.77
CA ALA B 100 1.08 -9.25 3.70
C ALA B 100 1.44 -8.86 2.27
N GLU B 101 1.51 -9.83 1.36
CA GLU B 101 1.98 -9.54 0.01
C GLU B 101 0.88 -8.96 -0.86
N VAL B 102 -0.36 -9.44 -0.70
CA VAL B 102 -1.48 -8.81 -1.42
C VAL B 102 -1.68 -7.37 -0.98
N PRO B 103 -1.65 -7.02 0.32
CA PRO B 103 -1.69 -5.59 0.68
C PRO B 103 -0.62 -4.75 0.00
N LEU B 104 0.61 -5.28 -0.09
CA LEU B 104 1.69 -4.56 -0.78
C LEU B 104 1.35 -4.33 -2.25
N ILE B 105 0.80 -5.35 -2.93
CA ILE B 105 0.39 -5.19 -4.32
C ILE B 105 -0.68 -4.09 -4.42
N MET B 106 -1.66 -4.14 -3.54
CA MET B 106 -2.73 -3.13 -3.55
C MET B 106 -2.17 -1.74 -3.29
N ASN B 107 -1.30 -1.61 -2.27
CA ASN B 107 -0.70 -0.30 -1.98
C ASN B 107 0.08 0.22 -3.18
N SER B 108 0.79 -0.67 -3.88
CA SER B 108 1.62 -0.26 -5.00
C SER B 108 0.78 0.29 -6.15
N ILE B 109 -0.30 -0.42 -6.49
CA ILE B 109 -1.12 0.01 -7.61
C ILE B 109 -1.88 1.29 -7.26
N LYS B 110 -2.14 1.53 -5.98
CA LYS B 110 -2.86 2.72 -5.60
C LYS B 110 -1.94 3.91 -5.34
N SER B 111 -0.63 3.73 -5.48
CA SER B 111 0.33 4.81 -5.27
C SER B 111 0.32 5.84 -6.40
N PHE B 112 -0.40 5.59 -7.50
CA PHE B 112 -0.51 6.52 -8.60
C PHE B 112 -1.88 7.20 -8.53
N SER B 113 -1.89 8.53 -8.44
CA SER B 113 -3.15 9.24 -8.32
C SER B 113 -3.71 9.71 -9.66
N ASP B 114 -2.88 9.77 -10.71
N ASP B 114 -2.88 9.77 -10.71
CA ASP B 114 -3.37 10.17 -12.02
CA ASP B 114 -3.37 10.19 -12.01
C ASP B 114 -4.40 9.17 -12.53
C ASP B 114 -4.39 9.19 -12.53
N HIS B 115 -5.55 9.69 -12.96
CA HIS B 115 -6.65 8.88 -13.50
C HIS B 115 -6.99 7.69 -12.59
N ALA B 116 -6.87 7.91 -11.28
CA ALA B 116 -7.01 6.78 -10.35
C ALA B 116 -8.44 6.25 -10.33
N GLN B 117 -9.43 7.09 -10.58
CA GLN B 117 -10.83 6.64 -10.56
C GLN B 117 -11.32 6.15 -11.93
N CYS B 118 -10.43 6.07 -12.93
CA CYS B 118 -10.79 5.60 -14.25
C CYS B 118 -10.51 4.10 -14.39
N GLY B 119 -11.23 3.46 -15.31
CA GLY B 119 -10.94 2.08 -15.65
C GLY B 119 -11.29 1.11 -14.55
N ARG B 120 -10.56 -0.01 -14.52
CA ARG B 120 -10.85 -1.10 -13.60
C ARG B 120 -9.55 -1.82 -13.27
N LEU B 121 -9.57 -2.62 -12.20
CA LEU B 121 -8.43 -3.44 -11.82
C LEU B 121 -8.58 -4.82 -12.44
N GLU B 122 -7.52 -5.30 -13.08
CA GLU B 122 -7.48 -6.62 -13.71
C GLU B 122 -6.29 -7.38 -13.16
N VAL B 123 -6.50 -8.64 -12.78
CA VAL B 123 -5.44 -9.45 -12.17
C VAL B 123 -5.21 -10.70 -12.99
N HIS B 124 -3.94 -11.12 -13.05
CA HIS B 124 -3.50 -12.30 -13.76
C HIS B 124 -2.64 -13.14 -12.81
N LEU B 125 -2.86 -14.45 -12.82
CA LEU B 125 -2.11 -15.38 -11.97
C LEU B 125 -1.61 -16.51 -12.84
N VAL B 126 -0.30 -16.75 -12.83
CA VAL B 126 0.33 -17.80 -13.63
C VAL B 126 1.38 -18.51 -12.78
N GLY B 127 1.47 -19.84 -12.92
CA GLY B 127 2.55 -20.60 -12.35
C GLY B 127 2.05 -21.79 -11.56
N GLY B 128 3.01 -22.55 -11.03
CA GLY B 128 2.66 -23.72 -10.25
C GLY B 128 2.38 -24.93 -11.12
N PHE B 129 2.11 -26.05 -10.44
CA PHE B 129 1.75 -27.29 -11.10
C PHE B 129 1.22 -28.23 -10.03
N SER B 130 0.79 -29.43 -10.44
CA SER B 130 0.28 -30.43 -9.50
C SER B 130 1.46 -31.12 -8.79
N ASP B 131 2.10 -30.37 -7.90
CA ASP B 131 3.29 -30.83 -7.21
C ASP B 131 2.95 -31.80 -6.08
N ASP B 132 3.95 -32.61 -5.71
CA ASP B 132 3.78 -33.62 -4.68
C ASP B 132 3.39 -33.00 -3.35
N ARG B 133 4.07 -31.93 -2.96
CA ARG B 133 3.88 -31.33 -1.64
C ARG B 133 2.63 -30.46 -1.57
N GLN B 134 1.85 -30.38 -2.65
CA GLN B 134 0.61 -29.61 -2.70
C GLN B 134 0.83 -28.13 -2.40
N LEU B 135 2.02 -27.63 -2.72
CA LEU B 135 2.36 -26.23 -2.42
C LEU B 135 1.73 -25.26 -3.43
N SER B 136 1.64 -25.66 -4.71
CA SER B 136 1.03 -24.78 -5.70
C SER B 136 -0.43 -24.53 -5.37
N GLN B 137 -1.18 -25.59 -5.06
CA GLN B 137 -2.61 -25.43 -4.79
C GLN B 137 -2.86 -24.62 -3.52
N LYS B 138 -1.95 -24.68 -2.55
CA LYS B 138 -2.08 -23.86 -1.36
C LYS B 138 -1.90 -22.38 -1.69
N LEU B 139 -0.89 -22.06 -2.49
CA LEU B 139 -0.66 -20.66 -2.85
C LEU B 139 -1.79 -20.11 -3.72
N THR B 140 -2.27 -20.92 -4.67
CA THR B 140 -3.45 -20.53 -5.43
C THR B 140 -4.60 -20.16 -4.50
N HIS B 141 -4.91 -21.06 -3.55
CA HIS B 141 -6.00 -20.81 -2.62
C HIS B 141 -5.79 -19.51 -1.83
N GLN B 142 -4.55 -19.27 -1.37
CA GLN B 142 -4.28 -18.08 -0.56
C GLN B 142 -4.43 -16.80 -1.39
N LEU B 143 -3.91 -16.80 -2.61
CA LEU B 143 -3.95 -15.59 -3.43
C LEU B 143 -5.38 -15.26 -3.87
N LEU B 144 -6.13 -16.27 -4.31
CA LEU B 144 -7.54 -16.03 -4.65
C LEU B 144 -8.32 -15.51 -3.45
N SER B 145 -8.08 -16.08 -2.28
CA SER B 145 -8.83 -15.66 -1.10
C SER B 145 -8.49 -14.24 -0.69
N GLU B 146 -7.20 -13.87 -0.73
CA GLU B 146 -6.79 -12.55 -0.28
C GLU B 146 -7.25 -11.47 -1.26
N PHE B 147 -7.18 -11.74 -2.55
CA PHE B 147 -7.70 -10.78 -3.53
C PHE B 147 -9.23 -10.65 -3.40
N ASP B 148 -9.92 -11.77 -3.19
CA ASP B 148 -11.38 -11.72 -3.02
C ASP B 148 -11.77 -10.97 -1.76
N ARG B 149 -10.89 -10.86 -0.76
CA ARG B 149 -11.18 -10.09 0.43
C ARG B 149 -11.07 -8.59 0.23
N GLN B 150 -10.49 -8.14 -0.89
CA GLN B 150 -10.30 -6.71 -1.09
C GLN B 150 -11.65 -6.03 -1.30
N GLU B 151 -11.68 -4.73 -1.00
CA GLU B 151 -12.91 -3.97 -1.18
C GLU B 151 -13.13 -3.60 -2.64
N ASP B 152 -12.06 -3.38 -3.40
CA ASP B 152 -12.20 -3.06 -4.82
C ASP B 152 -12.73 -4.25 -5.60
N ASP B 153 -13.49 -3.96 -6.64
CA ASP B 153 -13.76 -4.94 -7.69
C ASP B 153 -12.44 -5.25 -8.39
N ILE B 154 -12.03 -6.51 -8.39
CA ILE B 154 -10.84 -6.93 -9.12
C ILE B 154 -11.25 -8.00 -10.11
N HIS B 155 -11.03 -7.74 -11.38
CA HIS B 155 -11.47 -8.63 -12.45
C HIS B 155 -10.39 -9.67 -12.72
N LEU B 156 -10.71 -10.94 -12.47
CA LEU B 156 -9.79 -12.04 -12.76
C LEU B 156 -9.80 -12.29 -14.26
N VAL B 157 -8.69 -11.98 -14.93
CA VAL B 157 -8.60 -12.07 -16.37
C VAL B 157 -7.81 -13.30 -16.81
N THR B 158 -6.72 -13.62 -16.11
CA THR B 158 -5.92 -14.78 -16.42
C THR B 158 -5.76 -15.63 -15.18
N LEU B 159 -6.00 -16.93 -15.30
CA LEU B 159 -5.80 -17.90 -14.23
C LEU B 159 -5.18 -19.13 -14.87
N CYS B 160 -3.85 -19.22 -14.87
CA CYS B 160 -3.15 -20.36 -15.46
C CYS B 160 -2.20 -20.91 -14.41
N VAL B 161 -2.76 -21.61 -13.43
CA VAL B 161 -2.02 -22.03 -12.25
C VAL B 161 -2.25 -23.50 -11.99
N THR B 162 -1.32 -24.09 -11.24
CA THR B 162 -1.43 -25.43 -10.67
C THR B 162 -1.87 -26.43 -11.74
N GLU B 163 -3.08 -27.00 -11.65
CA GLU B 163 -3.45 -28.04 -12.61
C GLU B 163 -3.58 -27.50 -14.04
N LEU B 164 -3.84 -26.21 -14.20
CA LEU B 164 -3.93 -25.61 -15.52
C LEU B 164 -2.56 -25.39 -16.15
N ASN B 165 -1.50 -25.40 -15.35
CA ASN B 165 -0.14 -25.19 -15.81
C ASN B 165 0.68 -26.47 -15.70
N ASP B 166 0.01 -27.63 -15.63
CA ASP B 166 0.64 -28.89 -15.30
C ASP B 166 0.90 -29.72 -16.55
N ARG B 167 2.09 -30.33 -16.59
CA ARG B 167 2.54 -31.25 -17.62
C ARG B 167 2.95 -32.54 -16.95
N GLU B 168 2.77 -33.67 -17.63
CA GLU B 168 3.07 -34.98 -17.07
C GLU B 168 4.01 -35.75 -18.00
N GLU B 169 5.00 -36.40 -17.42
CA GLU B 169 5.93 -37.24 -18.17
C GLU B 169 6.45 -38.34 -17.25
N ASN B 170 6.25 -39.59 -17.64
CA ASN B 170 6.65 -40.75 -16.84
C ASN B 170 6.07 -40.68 -15.43
N GLU B 171 4.82 -40.21 -15.35
CA GLU B 171 4.07 -40.06 -14.10
C GLU B 171 4.65 -38.99 -13.18
N ASN B 172 5.61 -38.19 -13.66
CA ASN B 172 6.12 -37.05 -12.90
C ASN B 172 5.54 -35.77 -13.50
N HIS B 173 5.16 -34.84 -12.62
CA HIS B 173 4.48 -33.63 -13.03
C HIS B 173 5.44 -32.44 -13.03
N PHE B 174 5.27 -31.56 -14.00
CA PHE B 174 6.12 -30.37 -14.16
C PHE B 174 5.24 -29.20 -14.55
N PRO B 175 5.71 -27.98 -14.31
CA PRO B 175 5.01 -26.81 -14.85
C PRO B 175 5.26 -26.65 -16.33
N VAL B 176 4.31 -25.99 -17.01
CA VAL B 176 4.48 -25.66 -18.42
C VAL B 176 5.10 -24.28 -18.52
N ILE B 177 4.44 -23.29 -17.93
CA ILE B 177 4.94 -21.92 -17.92
C ILE B 177 5.82 -21.72 -16.70
N TYR B 178 7.10 -21.41 -16.93
CA TYR B 178 8.02 -20.99 -15.88
C TYR B 178 8.14 -19.48 -15.75
N GLY B 179 7.84 -18.72 -16.79
CA GLY B 179 8.07 -17.28 -16.77
C GLY B 179 7.15 -16.54 -17.73
N ILE B 180 6.84 -15.29 -17.38
CA ILE B 180 6.00 -14.45 -18.22
C ILE B 180 6.57 -13.04 -18.22
N ALA B 181 6.23 -12.30 -19.27
CA ALA B 181 6.51 -10.89 -19.38
C ALA B 181 5.20 -10.14 -19.56
N VAL B 182 5.18 -8.88 -19.14
CA VAL B 182 4.05 -7.99 -19.38
C VAL B 182 4.58 -6.72 -20.03
N ASN B 183 3.98 -6.33 -21.14
N ASN B 183 3.98 -6.34 -21.16
CA ASN B 183 4.36 -5.09 -21.79
CA ASN B 183 4.30 -5.09 -21.81
C ASN B 183 3.57 -3.95 -21.17
C ASN B 183 3.55 -3.96 -21.12
N ILE B 184 4.29 -2.95 -20.64
CA ILE B 184 3.63 -1.86 -19.91
C ILE B 184 2.72 -1.05 -20.82
N LYS B 185 3.17 -0.76 -22.05
CA LYS B 185 2.37 0.12 -22.92
C LYS B 185 1.09 -0.56 -23.39
N THR B 186 1.17 -1.83 -23.79
CA THR B 186 0.05 -2.49 -24.45
C THR B 186 -0.70 -3.46 -23.54
N ALA B 187 -0.16 -3.76 -22.36
CA ALA B 187 -0.78 -4.56 -21.31
C ALA B 187 -0.85 -6.05 -21.59
N GLU B 188 -0.21 -6.56 -22.64
CA GLU B 188 -0.31 -8.00 -22.89
C GLU B 188 0.69 -8.77 -22.04
N ILE B 189 0.30 -9.97 -21.66
CA ILE B 189 1.14 -10.90 -20.94
C ILE B 189 1.45 -12.07 -21.87
N TYR B 190 2.71 -12.51 -21.86
CA TYR B 190 3.11 -13.59 -22.76
C TYR B 190 4.26 -14.38 -22.11
N ARG B 191 4.41 -15.61 -22.57
CA ARG B 191 5.46 -16.50 -22.08
C ARG B 191 6.83 -15.96 -22.47
N ALA B 192 7.76 -15.98 -21.52
CA ALA B 192 9.05 -15.36 -21.73
C ALA B 192 10.10 -16.06 -20.89
N SER B 193 11.35 -15.97 -21.35
CA SER B 193 12.51 -16.34 -20.55
C SER B 193 13.53 -15.22 -20.66
N PHE B 194 14.35 -15.08 -19.61
CA PHE B 194 15.22 -13.92 -19.46
C PHE B 194 16.63 -14.40 -19.14
N GLN B 195 17.58 -14.12 -20.04
CA GLN B 195 18.97 -14.46 -19.76
C GLN B 195 19.72 -13.36 -19.04
N ASP B 196 19.27 -12.10 -19.13
CA ASP B 196 19.89 -10.98 -18.43
C ASP B 196 18.93 -10.53 -17.31
N ARG B 197 19.25 -10.93 -16.09
CA ARG B 197 18.41 -10.66 -14.93
C ARG B 197 19.00 -9.64 -13.98
N GLY B 198 20.14 -9.03 -14.32
CA GLY B 198 20.81 -8.13 -13.42
C GLY B 198 20.05 -6.82 -13.28
N PRO B 199 20.56 -5.94 -12.40
CA PRO B 199 21.83 -6.04 -11.67
C PRO B 199 21.73 -6.66 -10.28
N GLU B 200 22.89 -6.89 -9.67
CA GLU B 200 22.97 -7.44 -8.31
C GLU B 200 22.18 -8.74 -8.18
N GLU B 201 22.17 -9.53 -9.25
CA GLU B 201 21.39 -10.76 -9.25
C GLU B 201 21.76 -11.67 -8.09
N GLN B 202 23.05 -11.81 -7.81
CA GLN B 202 23.46 -12.75 -6.76
C GLN B 202 23.14 -12.21 -5.37
N LEU B 203 23.32 -10.90 -5.17
CA LEU B 203 22.96 -10.29 -3.89
C LEU B 203 21.46 -10.44 -3.61
N ARG B 204 20.64 -10.25 -4.63
CA ARG B 204 19.20 -10.33 -4.43
C ARG B 204 18.76 -11.78 -4.19
N ALA B 205 19.40 -12.73 -4.85
CA ALA B 205 19.09 -14.14 -4.61
C ALA B 205 19.56 -14.59 -3.23
N ALA B 206 20.67 -14.02 -2.73
CA ALA B 206 21.13 -14.36 -1.39
C ALA B 206 20.18 -13.86 -0.32
N ARG B 207 19.68 -12.62 -0.51
CA ARG B 207 18.71 -12.07 0.41
C ARG B 207 17.50 -12.98 0.55
N THR B 208 17.06 -13.58 -0.56
N THR B 208 17.06 -13.58 -0.56
CA THR B 208 15.87 -14.42 -0.53
CA THR B 208 15.88 -14.42 -0.54
C THR B 208 16.16 -15.77 0.12
C THR B 208 16.16 -15.77 0.12
N LEU B 209 17.28 -16.39 -0.24
CA LEU B 209 17.66 -17.66 0.37
C LEU B 209 17.82 -17.51 1.88
N ALA B 210 18.39 -16.38 2.32
CA ALA B 210 18.56 -16.15 3.75
C ALA B 210 17.24 -15.88 4.47
N GLY B 211 16.12 -15.76 3.75
CA GLY B 211 14.82 -15.65 4.37
C GLY B 211 14.19 -14.26 4.40
N GLY B 212 14.65 -13.33 3.57
CA GLY B 212 14.11 -12.00 3.58
C GLY B 212 12.65 -11.97 3.13
N PRO B 213 11.93 -10.92 3.51
CA PRO B 213 10.54 -10.79 3.09
C PRO B 213 10.42 -10.32 1.64
N MET B 214 9.18 -10.28 1.18
CA MET B 214 8.87 -9.64 -0.09
C MET B 214 9.23 -8.16 -0.04
N ILE B 215 9.87 -7.66 -1.09
CA ILE B 215 10.32 -6.27 -1.15
C ILE B 215 9.85 -5.64 -2.45
N SER B 216 9.65 -4.33 -2.42
CA SER B 216 9.36 -3.51 -3.59
C SER B 216 10.65 -2.85 -4.04
N ILE B 217 11.00 -3.00 -5.32
CA ILE B 217 12.35 -2.70 -5.79
C ILE B 217 12.43 -1.51 -6.74
N TYR B 218 11.32 -0.92 -7.16
CA TYR B 218 11.37 0.12 -8.18
C TYR B 218 10.58 1.35 -7.78
N ASP B 219 11.17 2.51 -8.04
CA ASP B 219 10.57 3.83 -7.80
C ASP B 219 10.26 4.41 -9.19
N ALA B 220 9.00 4.33 -9.60
CA ALA B 220 8.64 4.75 -10.94
C ALA B 220 8.48 6.27 -11.08
N GLU B 221 8.48 7.03 -9.99
CA GLU B 221 8.39 8.48 -10.14
C GLU B 221 9.74 9.07 -10.55
N THR B 222 10.82 8.63 -9.92
CA THR B 222 12.16 9.01 -10.34
C THR B 222 12.80 7.99 -11.28
N GLU B 223 12.13 6.87 -11.54
CA GLU B 223 12.60 5.85 -12.48
C GLU B 223 13.95 5.28 -12.04
N GLN B 224 14.03 4.88 -10.77
CA GLN B 224 15.25 4.35 -10.18
C GLN B 224 14.97 2.97 -9.59
N LEU B 225 15.83 2.01 -9.92
CA LEU B 225 15.83 0.72 -9.24
C LEU B 225 16.58 0.85 -7.92
N ARG B 226 15.99 0.33 -6.84
CA ARG B 226 16.50 0.49 -5.49
C ARG B 226 16.83 -0.89 -4.93
N ILE B 227 18.11 -1.17 -4.73
CA ILE B 227 18.56 -2.46 -4.24
C ILE B 227 19.19 -2.24 -2.87
N GLY B 228 18.46 -2.63 -1.82
CA GLY B 228 18.98 -2.56 -0.48
C GLY B 228 18.58 -1.29 0.26
N PRO B 229 19.16 -1.07 1.46
CA PRO B 229 20.11 -1.98 2.10
C PRO B 229 19.45 -3.26 2.60
N TYR B 230 20.19 -4.35 2.63
CA TYR B 230 19.70 -5.63 3.12
C TYR B 230 20.51 -6.04 4.34
N SER B 231 19.87 -6.78 5.23
CA SER B 231 20.52 -7.28 6.43
C SER B 231 20.07 -8.71 6.70
N TRP B 232 21.02 -9.57 7.06
CA TRP B 232 20.68 -10.93 7.44
C TRP B 232 21.72 -11.45 8.41
N THR B 233 21.31 -12.43 9.20
CA THR B 233 22.22 -13.19 10.03
C THR B 233 22.88 -14.29 9.19
N PRO B 234 24.05 -14.78 9.61
CA PRO B 234 24.71 -15.84 8.83
C PRO B 234 23.79 -17.00 8.51
N PHE B 235 23.90 -17.49 7.29
CA PHE B 235 23.08 -18.60 6.83
C PHE B 235 23.54 -19.87 7.53
N PRO B 236 22.66 -20.57 8.26
CA PRO B 236 23.11 -21.69 9.08
C PRO B 236 23.68 -22.83 8.24
N HIS B 237 24.83 -23.34 8.68
CA HIS B 237 25.44 -24.54 8.08
C HIS B 237 25.76 -24.34 6.61
N VAL B 238 26.17 -23.12 6.24
CA VAL B 238 26.39 -22.82 4.83
C VAL B 238 27.47 -23.70 4.23
N ASP B 239 28.55 -23.93 4.99
CA ASP B 239 29.62 -24.80 4.49
C ASP B 239 29.12 -26.22 4.29
N PHE B 240 28.32 -26.72 5.23
CA PHE B 240 27.73 -28.04 5.07
C PHE B 240 26.91 -28.13 3.79
N TRP B 241 26.04 -27.15 3.54
CA TRP B 241 25.19 -27.22 2.36
C TRP B 241 26.01 -27.13 1.08
N LEU B 242 27.04 -26.28 1.07
CA LEU B 242 27.88 -26.17 -0.12
C LEU B 242 28.59 -27.47 -0.47
N HIS B 243 28.73 -28.41 0.47
CA HIS B 243 29.40 -29.66 0.22
C HIS B 243 28.45 -30.85 0.05
N GLN B 244 27.14 -30.61 0.03
CA GLN B 244 26.19 -31.67 -0.24
C GLN B 244 26.06 -31.90 -1.74
N ASP B 245 25.63 -33.11 -2.11
CA ASP B 245 25.49 -33.41 -3.52
C ASP B 245 24.24 -32.75 -4.09
N ASP B 246 24.09 -32.82 -5.41
CA ASP B 246 22.99 -32.13 -6.09
C ASP B 246 21.63 -32.61 -5.58
N LYS B 247 21.48 -33.92 -5.37
CA LYS B 247 20.20 -34.45 -4.93
C LYS B 247 19.79 -33.88 -3.57
N GLN B 248 20.73 -33.73 -2.65
CA GLN B 248 20.38 -33.27 -1.31
C GLN B 248 20.02 -31.79 -1.32
N ILE B 249 20.69 -30.99 -2.15
CA ILE B 249 20.38 -29.57 -2.21
C ILE B 249 19.02 -29.33 -2.83
N LEU B 250 18.67 -30.09 -3.87
CA LEU B 250 17.35 -29.92 -4.48
C LEU B 250 16.23 -30.36 -3.55
N GLU B 251 16.44 -31.45 -2.81
CA GLU B 251 15.38 -31.94 -1.95
C GLU B 251 15.12 -31.02 -0.76
N ASN B 252 16.12 -30.27 -0.32
CA ASN B 252 16.02 -29.51 0.91
C ASN B 252 16.04 -28.01 0.73
N LEU B 253 16.68 -27.50 -0.32
CA LEU B 253 16.76 -26.06 -0.55
C LEU B 253 15.89 -25.60 -1.71
N SER B 254 15.07 -26.50 -2.26
CA SER B 254 14.10 -26.16 -3.30
C SER B 254 12.76 -26.79 -2.95
N THR B 255 11.70 -26.25 -3.54
CA THR B 255 10.35 -26.73 -3.27
C THR B 255 9.92 -27.87 -4.17
N SER B 256 10.62 -28.11 -5.28
CA SER B 256 10.21 -29.12 -6.25
C SER B 256 11.44 -29.74 -6.86
N PRO B 257 12.00 -30.76 -6.20
CA PRO B 257 13.35 -31.24 -6.58
C PRO B 257 13.47 -31.76 -8.00
N LEU B 258 12.36 -32.23 -8.61
CA LEU B 258 12.43 -32.81 -9.94
C LEU B 258 11.80 -31.92 -11.00
N ALA B 259 11.40 -30.70 -10.66
CA ALA B 259 10.82 -29.76 -11.62
C ALA B 259 11.62 -28.47 -11.75
N GLU B 260 12.78 -28.38 -11.13
CA GLU B 260 13.56 -27.16 -11.19
C GLU B 260 14.16 -26.99 -12.59
N PRO B 261 14.30 -25.76 -13.05
CA PRO B 261 14.95 -25.52 -14.35
C PRO B 261 16.39 -26.02 -14.33
N PRO B 262 17.00 -26.24 -15.50
CA PRO B 262 18.39 -26.72 -15.51
C PRO B 262 19.32 -25.68 -14.93
N HIS B 263 20.47 -26.18 -14.45
CA HIS B 263 21.49 -25.38 -13.77
C HIS B 263 21.00 -24.76 -12.47
N PHE B 264 19.84 -25.20 -11.95
CA PHE B 264 19.34 -24.68 -10.69
C PHE B 264 20.35 -24.90 -9.56
N VAL B 265 20.90 -26.10 -9.47
CA VAL B 265 21.84 -26.42 -8.40
C VAL B 265 23.06 -25.53 -8.48
N GLU B 266 23.58 -25.29 -9.70
CA GLU B 266 24.71 -24.39 -9.82
C GLU B 266 24.36 -22.98 -9.36
N HIS B 267 23.11 -22.55 -9.57
CA HIS B 267 22.71 -21.22 -9.12
C HIS B 267 22.63 -21.15 -7.60
N ILE B 268 22.07 -22.18 -6.97
CA ILE B 268 21.96 -22.18 -5.50
C ILE B 268 23.35 -22.34 -4.88
N ARG B 269 24.23 -23.12 -5.51
CA ARG B 269 25.60 -23.22 -5.03
C ARG B 269 26.29 -21.86 -5.06
N SER B 270 26.05 -21.08 -6.12
CA SER B 270 26.64 -19.75 -6.19
C SER B 270 26.01 -18.82 -5.16
N THR B 271 24.71 -18.96 -4.91
CA THR B 271 24.08 -18.16 -3.86
C THR B 271 24.62 -18.54 -2.49
N LEU B 272 24.78 -19.84 -2.23
CA LEU B 272 25.37 -20.28 -0.98
C LEU B 272 26.79 -19.76 -0.82
N MET B 273 27.57 -19.75 -1.90
CA MET B 273 28.91 -19.20 -1.84
C MET B 273 28.88 -17.71 -1.50
N PHE B 274 27.93 -16.96 -2.08
CA PHE B 274 27.80 -15.55 -1.76
C PHE B 274 27.48 -15.35 -0.27
N LEU B 275 26.60 -16.17 0.27
CA LEU B 275 26.24 -16.03 1.68
C LEU B 275 27.41 -16.38 2.59
N LYS B 276 28.21 -17.37 2.20
CA LYS B 276 29.38 -17.76 2.97
C LYS B 276 30.39 -16.62 3.01
N LYS B 277 30.53 -15.91 1.91
CA LYS B 277 31.50 -14.84 1.91
C LYS B 277 30.92 -13.51 2.43
N HIS B 278 29.60 -13.36 2.46
CA HIS B 278 28.97 -12.15 2.99
C HIS B 278 27.99 -12.52 4.09
N PRO B 279 28.49 -12.96 5.26
CA PRO B 279 27.58 -13.36 6.33
C PRO B 279 26.86 -12.19 7.00
N SER B 280 27.35 -10.95 6.84
CA SER B 280 26.67 -9.78 7.38
C SER B 280 26.90 -8.62 6.42
N PRO B 281 26.02 -8.45 5.43
CA PRO B 281 26.24 -7.44 4.39
C PRO B 281 25.84 -6.03 4.80
N ALA B 282 25.16 -5.87 5.94
CA ALA B 282 24.52 -4.60 6.27
C ALA B 282 25.48 -3.42 6.20
N HIS B 283 26.67 -3.58 6.76
CA HIS B 283 27.64 -2.48 6.82
C HIS B 283 28.91 -2.79 6.03
N THR B 284 28.86 -3.78 5.14
CA THR B 284 29.98 -4.09 4.26
C THR B 284 29.66 -3.97 2.78
N LEU B 285 28.42 -4.20 2.38
CA LEU B 285 28.01 -4.05 0.98
C LEU B 285 27.23 -2.77 0.72
N PHE B 286 26.79 -2.07 1.77
CA PHE B 286 26.02 -0.85 1.65
C PHE B 286 26.71 0.22 2.47
N SER B 287 27.27 1.23 1.80
CA SER B 287 27.99 2.30 2.48
C SER B 287 26.99 3.31 3.05
N GLY B 288 27.02 3.49 4.37
CA GLY B 288 26.16 4.45 5.01
C GLY B 288 24.70 4.05 5.11
N ASN B 289 24.39 2.77 4.91
CA ASN B 289 23.01 2.28 4.97
C ASN B 289 22.14 2.91 3.88
N LYS B 290 22.70 3.05 2.69
CA LYS B 290 22.01 3.62 1.56
C LYS B 290 21.81 2.55 0.48
N ALA B 291 20.69 2.65 -0.24
CA ALA B 291 20.42 1.73 -1.32
C ALA B 291 21.42 1.91 -2.46
N LEU B 292 21.74 0.82 -3.14
CA LEU B 292 22.34 0.92 -4.46
C LEU B 292 21.27 1.32 -5.46
N LEU B 293 21.51 2.39 -6.20
CA LEU B 293 20.53 2.96 -7.10
C LEU B 293 20.96 2.75 -8.55
N TYR B 294 19.99 2.41 -9.40
CA TYR B 294 20.24 2.21 -10.82
C TYR B 294 19.18 2.94 -11.63
N LYS B 295 19.61 3.45 -12.78
CA LYS B 295 18.74 4.06 -13.76
C LYS B 295 19.00 3.42 -15.12
N LYS B 296 18.01 3.51 -16.01
CA LYS B 296 18.20 3.10 -17.39
C LYS B 296 18.96 4.18 -18.15
N ASN B 297 19.96 3.78 -18.92
CA ASN B 297 20.63 4.71 -19.82
C ASN B 297 19.87 4.75 -21.15
N GLU B 298 20.41 5.50 -22.12
CA GLU B 298 19.70 5.61 -23.40
C GLU B 298 19.71 4.31 -24.18
N ASP B 299 20.66 3.41 -23.91
CA ASP B 299 20.62 2.08 -24.53
C ASP B 299 19.62 1.15 -23.86
N GLY B 300 18.94 1.61 -22.81
CA GLY B 300 17.94 0.79 -22.14
C GLY B 300 18.48 -0.21 -21.15
N LEU B 301 19.70 -0.05 -20.68
CA LEU B 301 20.32 -0.97 -19.73
C LEU B 301 20.54 -0.25 -18.40
N TRP B 302 20.65 -1.06 -17.34
CA TRP B 302 20.83 -0.53 -16.00
C TRP B 302 22.25 0.00 -15.81
N GLU B 303 22.36 1.18 -15.21
CA GLU B 303 23.64 1.79 -14.88
C GLU B 303 23.57 2.34 -13.47
N LYS B 304 24.59 2.08 -12.67
CA LYS B 304 24.58 2.47 -11.27
C LYS B 304 24.78 3.98 -11.13
N ILE B 305 23.98 4.61 -10.28
CA ILE B 305 24.11 6.03 -9.99
C ILE B 305 25.11 6.24 -8.87
C1 GOL C . 4.43 15.19 23.65
O1 GOL C . 3.66 15.06 24.83
C2 GOL C . 5.89 14.90 23.95
O2 GOL C . 6.41 14.10 22.92
C3 GOL C . 6.66 16.22 23.99
O3 GOL C . 6.32 16.99 22.85
C1 GOL D . -16.20 28.08 19.41
O1 GOL D . -17.59 27.98 19.13
C2 GOL D . -15.40 27.65 18.19
O2 GOL D . -14.35 26.78 18.55
C3 GOL D . -16.32 26.93 17.20
O3 GOL D . -17.01 27.87 16.40
C1 GOL E . 19.07 18.80 0.85
O1 GOL E . 19.03 17.39 0.88
C2 GOL E . 19.20 19.32 2.27
O2 GOL E . 20.18 18.58 2.97
C3 GOL E . 19.60 20.78 2.23
O3 GOL E . 19.28 21.41 3.45
C1 GOL F . -2.20 -10.42 19.67
O1 GOL F . -1.94 -9.81 20.92
C2 GOL F . -3.66 -10.18 19.30
O2 GOL F . -3.72 -9.20 18.28
C3 GOL F . -4.32 -11.47 18.84
O3 GOL F . -5.73 -11.31 18.89
C1 GOL G . 12.75 13.55 12.16
O1 GOL G . 13.11 14.92 12.12
C2 GOL G . 13.82 12.73 11.45
O2 GOL G . 15.09 13.09 11.95
C3 GOL G . 13.59 11.24 11.69
O3 GOL G . 13.74 10.96 13.06
C1 GOL H . -17.80 1.38 -1.57
O1 GOL H . -18.72 2.33 -1.07
C2 GOL H . -17.25 1.85 -2.91
O2 GOL H . -17.36 3.24 -3.00
C3 GOL H . -15.77 1.48 -3.00
O3 GOL H . -15.28 1.73 -4.29
C1 GOL I . -5.87 21.07 6.24
O1 GOL I . -5.95 22.41 5.80
C2 GOL I . -6.96 20.81 7.28
O2 GOL I . -7.95 21.80 7.20
C3 GOL I . -7.57 19.43 7.04
O3 GOL I . -8.29 19.43 5.82
C1 GOL J . -8.37 -4.57 3.41
O1 GOL J . -9.67 -4.61 3.98
C2 GOL J . -7.64 -5.88 3.69
O2 GOL J . -7.49 -6.04 5.08
C3 GOL J . -8.46 -7.04 3.15
O3 GOL J . -7.90 -8.25 3.61
C1 GOL K . -23.94 10.53 19.35
O1 GOL K . -24.48 9.44 20.07
C2 GOL K . -24.79 11.78 19.58
O2 GOL K . -24.86 12.07 20.96
C3 GOL K . -24.12 12.96 18.90
O3 GOL K . -24.83 13.40 17.76
C1 GOL L . -7.14 -2.04 24.30
O1 GOL L . -8.18 -2.80 23.73
C2 GOL L . -7.49 -1.64 25.73
O2 GOL L . -8.03 -2.76 26.41
C3 GOL L . -6.23 -1.16 26.46
O3 GOL L . -5.75 0.01 25.83
C1 GOL M . -19.02 -5.24 23.99
O1 GOL M . -19.56 -4.33 23.06
C2 GOL M . -19.71 -5.00 25.34
O2 GOL M . -21.11 -5.08 25.17
C3 GOL M . -19.31 -3.62 25.85
O3 GOL M . -20.46 -2.89 26.21
C1 GOL N . -18.06 39.02 7.70
O1 GOL N . -19.02 38.36 6.91
C2 GOL N . -17.39 40.12 6.89
O2 GOL N . -15.99 40.06 7.08
C3 GOL N . -17.72 40.00 5.41
O3 GOL N . -16.76 39.19 4.78
P PO4 O . -5.48 -5.02 26.81
O1 PO4 O . -5.98 -5.82 25.63
O2 PO4 O . -4.77 -5.93 27.79
O3 PO4 O . -6.66 -4.36 27.48
O4 PO4 O . -4.51 -3.95 26.34
P PO4 P . -27.78 13.84 17.54
O1 PO4 P . -29.06 14.17 16.84
O2 PO4 P . -26.82 13.18 16.57
O3 PO4 P . -27.14 15.10 18.07
O4 PO4 P . -28.02 12.88 18.69
C1 GOL Q . 24.76 -5.03 -20.96
O1 GOL Q . 25.30 -4.78 -19.68
C2 GOL Q . 24.61 -6.53 -21.15
O2 GOL Q . 24.58 -7.19 -19.91
C3 GOL Q . 23.36 -6.86 -21.95
O3 GOL Q . 23.68 -7.06 -23.30
C1 GOL R . 5.48 -15.42 7.74
O1 GOL R . 6.35 -15.53 6.63
C2 GOL R . 6.02 -14.35 8.69
O2 GOL R . 5.01 -14.01 9.62
C3 GOL R . 6.42 -13.12 7.89
O3 GOL R . 7.28 -13.50 6.83
C1 GOL S . 10.14 -3.56 -26.36
O1 GOL S . 9.28 -4.60 -26.78
C2 GOL S . 11.45 -3.63 -27.15
O2 GOL S . 11.47 -4.81 -27.90
C3 GOL S . 12.61 -3.61 -26.18
O3 GOL S . 12.52 -2.46 -25.37
C1 GOL T . -17.83 -8.72 -20.39
O1 GOL T . -16.93 -9.37 -21.28
C2 GOL T . -17.32 -8.87 -18.96
O2 GOL T . -16.26 -9.80 -18.95
C3 GOL T . -16.85 -7.52 -18.45
O3 GOL T . -16.50 -7.64 -17.07
C1 GOL U . -12.87 -16.53 0.61
O1 GOL U . -14.13 -17.08 0.97
C2 GOL U . -12.63 -15.26 1.42
O2 GOL U . -11.42 -15.38 2.14
C3 GOL U . -12.54 -14.06 0.49
O3 GOL U . -13.67 -13.23 0.67
C1 GOL V . 10.76 -21.48 -7.55
O1 GOL V . 9.39 -21.68 -7.32
C2 GOL V . 11.56 -22.70 -7.12
O2 GOL V . 12.87 -22.63 -7.63
C3 GOL V . 11.59 -22.78 -5.60
O3 GOL V . 12.26 -23.96 -5.20
C1 GOL W . -6.00 -18.61 3.48
O1 GOL W . -5.74 -17.22 3.60
C2 GOL W . -7.16 -19.01 4.37
O2 GOL W . -8.19 -19.56 3.57
C3 GOL W . -7.72 -17.77 5.08
O3 GOL W . -8.82 -17.28 4.34
C1 GOL X . 16.75 8.49 1.37
O1 GOL X . 16.07 9.71 1.58
C2 GOL X . 15.75 7.36 1.23
O2 GOL X . 15.63 7.01 -0.13
C3 GOL X . 16.21 6.15 2.04
O3 GOL X . 15.40 5.03 1.73
C1 GOL Y . -10.09 -25.13 -3.08
O1 GOL Y . -10.33 -23.75 -3.24
C2 GOL Y . -8.69 -25.31 -2.53
O2 GOL Y . -8.76 -25.90 -1.25
C3 GOL Y . -7.89 -26.21 -3.46
O3 GOL Y . -6.53 -26.18 -3.10
C1 GOL Z . 22.57 -5.53 -18.08
O1 GOL Z . 21.99 -5.53 -19.37
C2 GOL Z . 21.96 -4.40 -17.26
O2 GOL Z . 20.73 -3.98 -17.84
C3 GOL Z . 21.76 -4.88 -15.84
O3 GOL Z . 23.01 -5.05 -15.22
P PO4 AA . -13.75 -10.05 -17.21
O1 PO4 AA . -14.53 -11.11 -17.93
O2 PO4 AA . -13.07 -10.65 -16.01
O3 PO4 AA . -12.72 -9.45 -18.15
O4 PO4 AA . -14.70 -8.96 -16.76
#